data_4GBX
#
_entry.id   4GBX
#
_cell.length_a   66.167
_cell.length_b   126.032
_cell.length_c   143.107
_cell.angle_alpha   90.00
_cell.angle_beta   90.00
_cell.angle_gamma   90.00
#
_symmetry.space_group_name_H-M   'P 21 21 21'
#
loop_
_entity.id
_entity.type
_entity.pdbx_description
1 polymer 'HLA class II histocompatibility antigen, DM alpha chain'
2 polymer 'HLA class II histocompatibility antigen, DM beta chain'
3 polymer 'HLA class II histocompatibility antigen, DR alpha chain'
4 polymer 'HLA class II histocompatibility antigen, DRB1-1 beta chain'
5 polymer 'synthetic peptide'
6 non-polymer 2-acetamido-2-deoxy-beta-D-glucopyranose
7 water water
#
loop_
_entity_poly.entity_id
_entity_poly.type
_entity_poly.pdbx_seq_one_letter_code
_entity_poly.pdbx_strand_id
1 'polypeptide(L)'
;VPEAPTPMWPDDLQNHTFLHTVYCQDGSPSVGLSEAYDEDQLFFFDFSQNTRVPRLPEFADWAQEQGDAPAILFDKEFCE
WMIQQIGPKLDGKIPVSRGFPIAEVFTLKPLEFGKPNTLVCFVSNLFPPMLTVNWQHHSVPVEGFGPTFVSAVDGLSFQA
FSYLDFTPEPSDIFSCIVTHEIDRYTAIAYWVPRNALPSLVPR
;
C
2 'polypeptide(L)'
;GGFVAHVESTCLLDDAGTPKDFTYCISFNKDLLTCWDPEENKMAPSEFGVLNSLANVLSQHLNQKDTLMQRLRNGLQNCA
THTQPFWGSLTDRTRPPSVQVAKTTPFNTREPVMLACYVWGFYPAEVTITWRKNGKLVMPHSSAHKTAQPNGDWTYQTLS
HLALTPSYGDTYTCVVEHIGAPEPILRDWTPGLGCLVPR
;
D
3 'polypeptide(L)'
;IKEEHVIIQAEFYLNPDQSGEFMFDFDGDEIFHVDMAKKETVWRLEEFGRFASFEAQGALANIACDKANLEIMTKRSNYT
PITNVPPEVTVLTNSPVELREPNVLICFIDKFTPPVVNVTWLRNGKPVTTGVSETVFLPREDHLFRKFHYLPFLPSTEDV
YDCRVEHWGLDEPLLKHWEFDAPSPLPETTE
;
A
4 'polypeptide(L)'
;VLFQGPGDTRPRFLWQLKFECHFFNGTERVRLLERSIYNQEESVRFDSDVGEYRAVTELGRPDAEYWNSQKDLLEQRRAA
VDTYCRHNYGVGESFTVQRRVEPKVTVYPSKTQPLQHHNLLVCSVSGFYPGSIEVRWFRNGQEEKAGVVSTGLIQNGDWT
FQTLVMLETVPRSGEVYTCQVEHPSVTSPLTVEWRARSSGGGSLPATG
;
B
5 'polypeptide(L)' GKQNCLKLAT E
#
loop_
_chem_comp.id
_chem_comp.type
_chem_comp.name
_chem_comp.formula
NAG D-saccharide, beta linking 2-acetamido-2-deoxy-beta-D-glucopyranose 'C8 H15 N O6'
#
# COMPACT_ATOMS: atom_id res chain seq x y z
N ASP A 12 -15.77 -28.70 -9.84
CA ASP A 12 -17.11 -28.12 -9.88
C ASP A 12 -17.52 -27.60 -8.49
N LEU A 13 -16.81 -28.05 -7.45
CA LEU A 13 -17.05 -27.60 -6.07
C LEU A 13 -16.05 -26.49 -5.68
N GLN A 14 -16.57 -25.38 -5.15
CA GLN A 14 -15.75 -24.23 -4.78
C GLN A 14 -14.77 -24.58 -3.65
N ASN A 15 -13.52 -24.13 -3.79
CA ASN A 15 -12.47 -24.46 -2.83
C ASN A 15 -12.42 -23.52 -1.62
N HIS A 16 -11.78 -23.98 -0.54
CA HIS A 16 -11.74 -23.25 0.74
C HIS A 16 -10.36 -23.35 1.39
N THR A 17 -9.91 -22.28 2.04
CA THR A 17 -8.61 -22.30 2.69
C THR A 17 -8.68 -22.10 4.21
N PHE A 18 -8.14 -23.08 4.94
CA PHE A 18 -8.01 -22.98 6.39
C PHE A 18 -6.52 -22.86 6.67
N LEU A 19 -6.07 -21.70 7.10
CA LEU A 19 -4.63 -21.55 7.30
C LEU A 19 -4.19 -21.40 8.75
N HIS A 20 -3.38 -22.37 9.17
CA HIS A 20 -2.80 -22.43 10.50
C HIS A 20 -1.46 -21.73 10.45
N THR A 21 -1.39 -20.53 11.02
CA THR A 21 -0.19 -19.73 10.87
C THR A 21 0.53 -19.62 12.21
N VAL A 22 1.73 -20.18 12.27
CA VAL A 22 2.56 -20.12 13.48
C VAL A 22 3.61 -19.02 13.32
N TYR A 23 3.58 -18.00 14.17
CA TYR A 23 4.53 -16.90 14.00
C TYR A 23 5.28 -16.51 15.27
N CYS A 24 6.46 -15.91 15.10
CA CYS A 24 7.26 -15.38 16.22
C CYS A 24 8.19 -14.24 15.83
N GLN A 25 8.65 -13.48 16.82
CA GLN A 25 9.42 -12.27 16.58
C GLN A 25 10.13 -11.74 17.82
N ASP A 26 11.06 -10.82 17.61
CA ASP A 26 11.71 -10.11 18.71
C ASP A 26 10.78 -9.02 19.23
N GLY A 27 10.55 -9.02 20.53
CA GLY A 27 9.66 -8.06 21.17
C GLY A 27 8.38 -8.69 21.68
N SER A 28 7.32 -7.90 21.70
CA SER A 28 6.05 -8.34 22.28
C SER A 28 4.91 -8.26 21.25
N PRO A 29 4.19 -9.39 21.04
CA PRO A 29 4.44 -10.68 21.70
C PRO A 29 5.58 -11.45 21.04
N SER A 30 6.10 -12.45 21.75
CA SER A 30 7.20 -13.27 21.24
C SER A 30 6.69 -14.38 20.31
N VAL A 31 5.44 -14.78 20.47
CA VAL A 31 4.95 -15.94 19.77
C VAL A 31 3.43 -15.92 19.69
N GLY A 32 2.89 -16.37 18.57
CA GLY A 32 1.47 -16.42 18.40
C GLY A 32 1.09 -17.46 17.37
N LEU A 33 -0.20 -17.70 17.25
CA LEU A 33 -0.67 -18.67 16.29
C LEU A 33 -2.12 -18.35 15.90
N SER A 34 -2.30 -17.86 14.68
CA SER A 34 -3.63 -17.60 14.15
C SER A 34 -4.00 -18.67 13.14
N GLU A 35 -5.20 -19.22 13.27
CA GLU A 35 -5.79 -20.03 12.21
C GLU A 35 -7.03 -19.35 11.70
N ALA A 36 -7.19 -19.36 10.37
CA ALA A 36 -8.25 -18.62 9.72
C ALA A 36 -8.85 -19.43 8.59
N TYR A 37 -10.18 -19.52 8.59
CA TYR A 37 -10.89 -20.08 7.46
C TYR A 37 -11.43 -18.96 6.57
N ASP A 38 -11.06 -19.01 5.29
CA ASP A 38 -11.50 -18.00 4.32
C ASP A 38 -11.24 -16.55 4.72
N GLU A 39 -10.05 -16.29 5.27
CA GLU A 39 -9.66 -14.94 5.65
C GLU A 39 -10.55 -14.32 6.74
N ASP A 40 -11.25 -15.18 7.47
CA ASP A 40 -11.83 -14.84 8.75
C ASP A 40 -11.22 -15.87 9.67
N GLN A 41 -10.72 -15.45 10.82
CA GLN A 41 -10.14 -16.40 11.74
C GLN A 41 -11.18 -16.92 12.70
N LEU A 42 -11.11 -18.22 12.98
CA LEU A 42 -11.91 -18.80 14.05
C LEU A 42 -11.12 -18.82 15.35
N PHE A 43 -9.83 -19.13 15.26
CA PHE A 43 -9.03 -19.27 16.47
C PHE A 43 -7.72 -18.48 16.45
N PHE A 44 -7.23 -18.23 17.66
CA PHE A 44 -5.88 -17.71 17.87
C PHE A 44 -5.37 -18.30 19.17
N PHE A 45 -4.12 -18.76 19.20
CA PHE A 45 -3.65 -19.58 20.31
C PHE A 45 -3.22 -18.75 21.50
N ASP A 46 -3.20 -19.39 22.67
CA ASP A 46 -2.72 -18.79 23.90
C ASP A 46 -1.66 -19.74 24.49
N PHE A 47 -0.44 -19.23 24.68
CA PHE A 47 0.66 -20.06 25.14
C PHE A 47 0.86 -19.97 26.65
N SER A 48 0.18 -19.01 27.26
CA SER A 48 0.14 -18.92 28.71
C SER A 48 -0.73 -20.06 29.20
N GLN A 49 -1.84 -20.30 28.51
CA GLN A 49 -2.83 -21.27 28.95
C GLN A 49 -2.87 -22.51 28.06
N ASN A 50 -1.97 -22.59 27.09
CA ASN A 50 -1.87 -23.75 26.19
C ASN A 50 -3.19 -24.18 25.53
N THR A 51 -4.04 -23.20 25.25
CA THR A 51 -5.39 -23.47 24.74
C THR A 51 -5.76 -22.55 23.58
N ARG A 52 -6.66 -23.02 22.71
CA ARG A 52 -7.14 -22.22 21.58
C ARG A 52 -8.29 -21.33 22.01
N VAL A 53 -8.05 -20.01 22.01
CA VAL A 53 -9.09 -19.01 22.31
C VAL A 53 -9.96 -18.74 21.08
N PRO A 54 -11.29 -18.62 21.27
CA PRO A 54 -12.13 -18.44 20.09
C PRO A 54 -12.47 -16.99 19.76
N ARG A 55 -12.56 -16.72 18.47
CA ARG A 55 -13.09 -15.50 17.92
C ARG A 55 -14.61 -15.60 18.11
N LEU A 56 -15.39 -15.10 17.15
CA LEU A 56 -16.84 -15.28 17.21
C LEU A 56 -17.38 -16.16 16.06
N PRO A 57 -17.25 -17.49 16.19
CA PRO A 57 -18.02 -18.45 15.40
C PRO A 57 -18.92 -19.22 16.36
N GLU A 58 -19.80 -18.49 17.03
CA GLU A 58 -20.45 -18.95 18.25
C GLU A 58 -19.46 -19.69 19.14
N PHE A 59 -18.28 -19.08 19.24
CA PHE A 59 -17.36 -19.29 20.34
C PHE A 59 -17.00 -20.75 20.55
N ALA A 60 -17.01 -21.49 19.45
CA ALA A 60 -16.37 -22.79 19.39
C ALA A 60 -16.85 -23.74 20.48
N ASP A 61 -17.95 -24.43 20.20
CA ASP A 61 -18.50 -25.44 21.10
C ASP A 61 -17.47 -26.57 21.18
N TRP A 62 -16.79 -26.79 20.08
CA TRP A 62 -15.71 -27.76 19.99
C TRP A 62 -14.44 -27.17 20.60
N ALA A 63 -14.27 -25.87 20.44
CA ALA A 63 -13.29 -25.08 21.20
C ALA A 63 -11.84 -25.53 21.14
N GLN A 64 -11.24 -25.61 22.33
CA GLN A 64 -9.88 -26.04 22.51
C GLN A 64 -9.81 -27.54 22.75
N GLU A 65 -10.25 -28.30 21.76
CA GLU A 65 -9.94 -29.71 21.68
C GLU A 65 -8.41 -29.81 21.77
N GLN A 66 -7.92 -30.59 22.73
CA GLN A 66 -6.48 -30.75 22.93
C GLN A 66 -5.91 -31.84 22.01
N GLY A 67 -6.70 -32.24 21.02
CA GLY A 67 -6.37 -33.33 20.12
C GLY A 67 -5.07 -33.19 19.37
N ASP A 68 -4.53 -31.97 19.33
CA ASP A 68 -3.20 -31.81 18.76
C ASP A 68 -2.38 -30.66 19.32
N ALA A 69 -1.71 -30.95 20.43
CA ALA A 69 -0.56 -30.19 20.88
C ALA A 69 0.77 -30.61 20.23
N PRO A 70 0.90 -31.87 19.72
CA PRO A 70 2.21 -32.16 19.13
C PRO A 70 2.56 -31.26 17.96
N ALA A 71 1.60 -31.02 17.08
CA ALA A 71 1.84 -30.14 15.93
C ALA A 71 2.24 -28.74 16.39
N ILE A 72 1.36 -28.12 17.16
CA ILE A 72 1.57 -26.76 17.67
C ILE A 72 2.88 -26.60 18.42
N LEU A 73 3.01 -27.30 19.56
CA LEU A 73 4.18 -27.14 20.42
C LEU A 73 5.52 -27.41 19.72
N PHE A 74 5.47 -28.11 18.60
CA PHE A 74 6.67 -28.34 17.78
C PHE A 74 7.03 -27.09 16.98
N ASP A 75 6.02 -26.53 16.32
CA ASP A 75 6.22 -25.33 15.50
C ASP A 75 6.63 -24.14 16.38
N LYS A 76 6.06 -24.06 17.58
CA LYS A 76 6.43 -23.02 18.55
C LYS A 76 7.93 -23.00 18.86
N GLU A 77 8.46 -24.13 19.32
CA GLU A 77 9.86 -24.20 19.71
C GLU A 77 10.83 -23.97 18.55
N PHE A 78 10.41 -24.35 17.34
CA PHE A 78 11.30 -24.22 16.20
C PHE A 78 11.33 -22.78 15.76
N CYS A 79 10.15 -22.18 15.72
CA CYS A 79 9.99 -20.78 15.38
C CYS A 79 10.82 -19.96 16.34
N GLU A 80 10.72 -20.28 17.62
CA GLU A 80 11.42 -19.55 18.67
C GLU A 80 12.92 -19.77 18.60
N TRP A 81 13.34 -20.88 17.97
CA TRP A 81 14.77 -21.14 17.75
C TRP A 81 15.29 -20.25 16.66
N MET A 82 14.50 -20.10 15.60
CA MET A 82 14.85 -19.22 14.48
C MET A 82 15.01 -17.78 14.92
N ILE A 83 14.13 -17.32 15.79
CA ILE A 83 14.27 -15.99 16.36
C ILE A 83 15.45 -15.95 17.34
N GLN A 84 15.70 -17.05 18.05
CA GLN A 84 16.77 -17.10 19.05
C GLN A 84 18.18 -17.26 18.50
N GLN A 85 18.41 -18.26 17.66
CA GLN A 85 19.76 -18.58 17.21
C GLN A 85 20.10 -18.08 15.81
N ILE A 86 19.08 -17.73 15.02
CA ILE A 86 19.29 -17.15 13.69
C ILE A 86 19.28 -15.62 13.73
N GLY A 87 18.52 -15.06 14.67
CA GLY A 87 18.41 -13.62 14.82
C GLY A 87 19.75 -12.91 14.79
N PRO A 88 20.57 -13.08 15.85
CA PRO A 88 21.82 -12.32 15.98
C PRO A 88 22.86 -12.59 14.89
N LYS A 89 22.87 -13.80 14.34
CA LYS A 89 23.81 -14.10 13.27
C LYS A 89 23.49 -13.26 12.03
N LEU A 90 22.21 -13.02 11.78
CA LEU A 90 21.80 -12.23 10.62
C LEU A 90 21.57 -10.76 10.93
N ASP A 91 21.52 -10.43 12.21
CA ASP A 91 21.20 -9.07 12.58
C ASP A 91 22.29 -8.09 12.13
N GLY A 92 21.93 -7.16 11.27
CA GLY A 92 22.87 -6.18 10.75
C GLY A 92 23.37 -6.50 9.35
N LYS A 93 23.20 -7.76 8.94
CA LYS A 93 23.71 -8.22 7.64
C LYS A 93 22.65 -8.14 6.54
N ILE A 94 21.41 -8.50 6.87
CA ILE A 94 20.28 -8.27 5.96
C ILE A 94 19.24 -7.37 6.64
N PRO A 95 18.55 -6.52 5.85
CA PRO A 95 17.63 -5.54 6.43
C PRO A 95 16.37 -6.19 6.98
N VAL A 96 15.72 -5.54 7.93
CA VAL A 96 14.51 -6.08 8.55
C VAL A 96 13.25 -5.69 7.76
N SER A 97 12.45 -6.68 7.41
CA SER A 97 11.21 -6.43 6.68
C SER A 97 10.18 -5.73 7.54
N ARG A 98 9.65 -4.61 7.04
CA ARG A 98 8.60 -3.89 7.76
C ARG A 98 7.70 -3.10 6.82
N GLY A 99 6.41 -3.10 7.14
CA GLY A 99 5.46 -2.22 6.48
C GLY A 99 4.95 -1.14 7.42
N PHE A 100 4.33 -0.12 6.85
CA PHE A 100 3.63 0.87 7.66
C PHE A 100 2.13 0.61 7.56
N PRO A 101 1.49 0.43 8.73
CA PRO A 101 0.10 -0.05 8.82
C PRO A 101 -0.87 0.99 8.34
N ILE A 102 -1.92 0.52 7.67
CA ILE A 102 -2.94 1.38 7.14
C ILE A 102 -4.24 1.20 7.94
N ALA A 103 -4.81 2.31 8.38
CA ALA A 103 -6.05 2.27 9.15
C ALA A 103 -7.20 2.96 8.42
N GLU A 104 -8.35 2.32 8.35
CA GLU A 104 -9.56 3.01 7.92
C GLU A 104 -10.71 2.68 8.82
N VAL A 105 -11.60 3.65 9.04
CA VAL A 105 -12.81 3.42 9.83
C VAL A 105 -14.13 3.71 9.12
N PHE A 106 -14.99 2.70 9.17
CA PHE A 106 -16.32 2.75 8.60
C PHE A 106 -17.29 2.20 9.62
N THR A 107 -18.58 2.36 9.31
CA THR A 107 -19.66 1.86 10.19
C THR A 107 -20.05 0.42 9.85
N LEU A 108 -20.36 -0.35 10.89
CA LEU A 108 -20.79 -1.74 10.73
C LEU A 108 -22.12 -1.82 10.01
N LYS A 109 -23.07 -0.99 10.44
CA LYS A 109 -24.38 -0.92 9.81
C LYS A 109 -24.52 0.46 9.15
N PRO A 110 -25.54 0.65 8.29
CA PRO A 110 -25.77 1.97 7.68
C PRO A 110 -26.03 3.07 8.70
N LEU A 111 -25.65 4.29 8.37
CA LEU A 111 -25.76 5.42 9.27
C LEU A 111 -27.16 6.00 9.34
N GLU A 112 -27.78 5.86 10.51
CA GLU A 112 -29.05 6.49 10.81
C GLU A 112 -28.81 7.32 12.06
N PHE A 113 -29.06 8.63 11.98
CA PHE A 113 -28.82 9.51 13.12
C PHE A 113 -29.60 9.03 14.34
N GLY A 114 -29.03 9.21 15.53
CA GLY A 114 -29.70 8.85 16.76
C GLY A 114 -29.93 7.37 17.00
N LYS A 115 -29.40 6.53 16.11
CA LYS A 115 -29.59 5.08 16.23
C LYS A 115 -28.24 4.43 16.55
N PRO A 116 -28.22 3.54 17.57
CA PRO A 116 -27.02 2.84 18.04
C PRO A 116 -26.26 2.09 16.95
N ASN A 117 -24.96 2.38 16.86
CA ASN A 117 -24.10 1.75 15.86
C ASN A 117 -22.74 1.38 16.45
N THR A 118 -21.85 0.90 15.58
CA THR A 118 -20.48 0.59 15.95
C THR A 118 -19.52 1.14 14.88
N LEU A 119 -18.32 1.49 15.32
CA LEU A 119 -17.27 2.02 14.47
C LEU A 119 -16.24 0.93 14.31
N VAL A 120 -15.93 0.56 13.08
CA VAL A 120 -14.92 -0.46 12.85
C VAL A 120 -13.62 0.18 12.42
N CYS A 121 -12.53 -0.12 13.11
CA CYS A 121 -11.21 0.33 12.71
C CYS A 121 -10.45 -0.83 12.10
N PHE A 122 -10.35 -0.82 10.77
CA PHE A 122 -9.69 -1.90 10.06
C PHE A 122 -8.22 -1.55 9.79
N VAL A 123 -7.33 -2.32 10.39
CA VAL A 123 -5.91 -2.10 10.18
C VAL A 123 -5.31 -3.10 9.22
N SER A 124 -4.81 -2.63 8.09
CA SER A 124 -4.17 -3.53 7.14
C SER A 124 -2.66 -3.25 7.09
N ASN A 125 -1.95 -4.12 6.35
CA ASN A 125 -0.51 -3.98 6.16
C ASN A 125 0.23 -3.90 7.49
N LEU A 126 -0.08 -4.82 8.40
CA LEU A 126 0.60 -4.85 9.67
C LEU A 126 1.78 -5.81 9.66
N PHE A 127 2.99 -5.27 9.68
CA PHE A 127 4.16 -6.11 9.78
C PHE A 127 5.30 -5.27 10.32
N PRO A 128 5.90 -5.68 11.45
CA PRO A 128 5.60 -6.88 12.21
C PRO A 128 4.32 -6.67 13.00
N PRO A 129 3.70 -7.76 13.47
CA PRO A 129 2.42 -7.65 14.17
C PRO A 129 2.62 -7.22 15.62
N MET A 130 2.89 -5.94 15.83
CA MET A 130 2.89 -5.37 17.17
C MET A 130 2.31 -3.95 17.15
N LEU A 131 1.19 -3.79 17.85
CA LEU A 131 0.39 -2.58 17.76
C LEU A 131 -0.54 -2.38 18.95
N THR A 132 -0.95 -1.13 19.13
CA THR A 132 -1.89 -0.74 20.17
C THR A 132 -2.82 0.31 19.57
N VAL A 133 -4.13 0.07 19.61
CA VAL A 133 -5.07 1.00 18.95
C VAL A 133 -5.94 1.79 19.92
N ASN A 134 -5.98 3.11 19.72
CA ASN A 134 -6.76 4.02 20.57
C ASN A 134 -7.87 4.74 19.80
N TRP A 135 -9.06 4.82 20.41
CA TRP A 135 -10.18 5.56 19.83
C TRP A 135 -10.24 6.95 20.45
N GLN A 136 -10.56 7.95 19.62
CA GLN A 136 -10.80 9.29 20.14
C GLN A 136 -12.06 9.87 19.58
N HIS A 137 -12.88 10.44 20.47
CA HIS A 137 -14.11 11.12 20.09
C HIS A 137 -13.90 12.61 20.30
N HIS A 138 -14.06 13.38 19.23
CA HIS A 138 -13.62 14.78 19.20
C HIS A 138 -12.24 14.94 19.87
N SER A 139 -11.28 14.13 19.40
CA SER A 139 -9.89 14.17 19.85
C SER A 139 -9.74 13.94 21.36
N VAL A 140 -10.66 13.18 21.92
CA VAL A 140 -10.63 12.88 23.36
C VAL A 140 -10.49 11.39 23.52
N PRO A 141 -9.48 10.93 24.28
CA PRO A 141 -9.25 9.49 24.47
C PRO A 141 -10.51 8.81 24.99
N VAL A 142 -11.00 7.83 24.26
CA VAL A 142 -12.19 7.10 24.71
C VAL A 142 -11.98 5.60 24.60
N GLU A 143 -12.37 4.89 25.65
CA GLU A 143 -12.23 3.44 25.68
C GLU A 143 -13.16 2.83 24.64
N GLY A 144 -12.70 1.74 24.01
CA GLY A 144 -13.50 1.07 23.00
C GLY A 144 -13.95 -0.30 23.46
N PHE A 145 -15.05 -0.77 22.90
CA PHE A 145 -15.56 -2.10 23.22
C PHE A 145 -14.57 -3.18 22.80
N GLY A 146 -14.43 -4.21 23.62
CA GLY A 146 -13.62 -5.35 23.29
C GLY A 146 -12.13 -5.09 23.18
N PRO A 147 -11.38 -6.15 22.85
CA PRO A 147 -9.95 -6.03 22.58
C PRO A 147 -9.68 -5.85 21.08
N THR A 148 -8.39 -5.83 20.73
CA THR A 148 -7.96 -5.67 19.36
C THR A 148 -7.59 -7.03 18.78
N PHE A 149 -8.26 -7.44 17.70
CA PHE A 149 -8.04 -8.77 17.14
C PHE A 149 -7.05 -8.80 16.01
N VAL A 150 -5.89 -9.37 16.25
CA VAL A 150 -4.92 -9.54 15.18
C VAL A 150 -5.08 -10.91 14.53
N SER A 151 -5.08 -10.90 13.21
CA SER A 151 -5.28 -12.10 12.42
C SER A 151 -4.15 -12.20 11.42
N ALA A 152 -3.69 -13.42 11.14
CA ALA A 152 -2.71 -13.64 10.09
C ALA A 152 -3.41 -13.82 8.75
N VAL A 153 -2.80 -13.29 7.70
CA VAL A 153 -3.42 -13.29 6.37
C VAL A 153 -2.45 -13.82 5.33
N ASP A 154 -2.95 -14.15 4.15
CA ASP A 154 -2.11 -14.76 3.12
C ASP A 154 -1.02 -13.82 2.59
N GLY A 155 0.19 -14.35 2.46
CA GLY A 155 1.31 -13.57 1.97
C GLY A 155 2.21 -13.09 3.08
N LEU A 156 2.08 -13.72 4.25
CA LEU A 156 2.91 -13.42 5.42
C LEU A 156 2.72 -12.02 6.00
N SER A 157 1.52 -11.46 5.93
CA SER A 157 1.25 -10.19 6.59
C SER A 157 0.19 -10.35 7.67
N PHE A 158 -0.19 -9.27 8.34
CA PHE A 158 -1.25 -9.37 9.33
C PHE A 158 -2.23 -8.22 9.22
N GLN A 159 -3.46 -8.45 9.67
CA GLN A 159 -4.45 -7.40 9.84
C GLN A 159 -4.93 -7.37 11.29
N ALA A 160 -5.81 -6.41 11.61
CA ALA A 160 -6.37 -6.31 12.96
C ALA A 160 -7.64 -5.46 12.98
N PHE A 161 -8.51 -5.74 13.93
CA PHE A 161 -9.77 -5.02 14.10
C PHE A 161 -9.95 -4.48 15.51
N SER A 162 -10.69 -3.37 15.62
CA SER A 162 -11.11 -2.77 16.89
C SER A 162 -12.48 -2.22 16.64
N TYR A 163 -13.16 -1.83 17.71
CA TYR A 163 -14.58 -1.53 17.62
C TYR A 163 -14.99 -0.51 18.65
N LEU A 164 -15.84 0.44 18.26
CA LEU A 164 -16.34 1.41 19.21
C LEU A 164 -17.85 1.52 19.08
N ASP A 165 -18.59 1.14 20.11
CA ASP A 165 -20.03 1.36 20.06
C ASP A 165 -20.32 2.82 20.39
N PHE A 166 -21.30 3.39 19.68
CA PHE A 166 -21.71 4.75 19.93
C PHE A 166 -23.04 5.07 19.28
N THR A 167 -23.62 6.20 19.65
CA THR A 167 -24.77 6.71 18.92
C THR A 167 -24.39 7.95 18.14
N PRO A 168 -24.51 7.88 16.81
CA PRO A 168 -24.25 8.92 15.81
C PRO A 168 -25.01 10.21 16.00
N GLU A 169 -24.27 11.31 16.09
CA GLU A 169 -24.83 12.64 16.03
C GLU A 169 -24.33 13.27 14.75
N PRO A 170 -25.08 14.24 14.22
CA PRO A 170 -24.66 14.94 13.00
C PRO A 170 -23.30 15.64 13.12
N SER A 171 -22.82 15.79 14.36
CA SER A 171 -21.65 16.58 14.68
C SER A 171 -20.49 15.72 15.09
N ASP A 172 -20.75 14.44 15.34
CA ASP A 172 -19.73 13.51 15.80
C ASP A 172 -18.50 13.50 14.89
N ILE A 173 -17.33 13.72 15.48
CA ILE A 173 -16.07 13.44 14.80
C ILE A 173 -15.29 12.42 15.64
N PHE A 174 -14.93 11.32 14.99
CA PHE A 174 -14.16 10.27 15.64
C PHE A 174 -12.83 10.04 14.93
N SER A 175 -11.84 9.56 15.66
CA SER A 175 -10.60 9.13 15.03
C SER A 175 -10.10 7.82 15.61
N CYS A 176 -9.51 7.00 14.76
CA CYS A 176 -8.87 5.77 15.19
C CYS A 176 -7.37 5.93 15.06
N ILE A 177 -6.64 5.63 16.12
CA ILE A 177 -5.19 5.81 16.08
C ILE A 177 -4.39 4.52 16.29
N VAL A 178 -3.65 4.12 15.26
CA VAL A 178 -2.79 2.94 15.34
C VAL A 178 -1.33 3.28 15.70
N THR A 179 -0.84 2.69 16.78
CA THR A 179 0.59 2.79 17.08
C THR A 179 1.30 1.51 16.65
N HIS A 180 2.31 1.64 15.80
CA HIS A 180 3.06 0.47 15.39
C HIS A 180 4.18 0.26 16.40
N GLU A 181 4.09 -0.84 17.14
CA GLU A 181 4.88 -0.98 18.36
C GLU A 181 6.39 -1.14 18.21
N ILE A 182 6.82 -1.32 16.96
CA ILE A 182 8.22 -1.49 16.62
C ILE A 182 9.05 -0.22 16.83
N ASP A 183 8.43 0.95 16.61
CA ASP A 183 9.12 2.23 16.78
C ASP A 183 8.16 3.35 17.12
N ARG A 184 6.99 2.99 17.62
CA ARG A 184 6.02 3.95 18.12
C ARG A 184 5.47 4.85 17.01
N TYR A 185 5.53 4.38 15.76
CA TYR A 185 4.94 5.08 14.61
C TYR A 185 3.44 5.15 14.76
N THR A 186 2.83 6.25 14.33
CA THR A 186 1.35 6.29 14.31
C THR A 186 0.71 6.56 12.94
N ALA A 187 -0.33 5.78 12.64
CA ALA A 187 -1.28 6.04 11.56
C ALA A 187 -2.55 6.67 12.11
N ILE A 188 -3.10 7.70 11.45
CA ILE A 188 -4.43 8.19 11.91
C ILE A 188 -5.58 8.09 10.89
N ALA A 189 -6.73 7.61 11.35
CA ALA A 189 -7.89 7.54 10.47
C ALA A 189 -9.09 8.26 11.07
N TYR A 190 -9.60 9.27 10.37
CA TYR A 190 -10.75 10.07 10.80
C TYR A 190 -12.08 9.52 10.33
N TRP A 191 -13.13 9.79 11.10
CA TRP A 191 -14.50 9.48 10.70
C TRP A 191 -15.43 10.66 10.98
N VAL A 192 -16.34 10.91 10.05
CA VAL A 192 -17.46 11.84 10.24
C VAL A 192 -18.67 11.21 9.58
N PRO A 193 -19.90 11.55 10.05
CA PRO A 193 -21.13 11.00 9.49
C PRO A 193 -21.35 11.49 8.07
N ARG A 194 -21.56 10.59 7.12
CA ARG A 194 -21.76 11.03 5.74
C ARG A 194 -22.83 10.22 5.04
N ASN A 195 -23.76 10.93 4.40
CA ASN A 195 -24.83 10.33 3.61
C ASN A 195 -25.83 9.52 4.43
N ALA A 196 -26.06 9.99 5.65
CA ALA A 196 -27.07 9.49 6.57
C ALA A 196 -28.39 9.19 5.87
N LEU A 197 -28.92 8.00 6.12
CA LEU A 197 -30.22 7.60 5.62
C LEU A 197 -31.30 8.29 6.44
N PRO A 198 -32.45 8.60 5.79
CA PRO A 198 -33.58 9.26 6.45
C PRO A 198 -34.10 8.46 7.63
N SER A 199 -34.32 9.17 8.72
CA SER A 199 -34.83 8.61 9.97
C SER A 199 -36.33 8.44 9.82
N LEU A 200 -36.82 7.23 10.08
CA LEU A 200 -38.17 6.82 9.67
C LEU A 200 -39.28 7.13 10.69
N PHE B 3 13.25 -9.41 13.84
CA PHE B 3 12.77 -10.26 12.75
C PHE B 3 11.44 -10.91 13.07
N VAL B 4 10.76 -11.42 12.04
CA VAL B 4 9.59 -12.23 12.22
C VAL B 4 9.79 -13.55 11.50
N ALA B 5 9.25 -14.63 12.05
CA ALA B 5 9.33 -15.93 11.38
C ALA B 5 7.99 -16.64 11.35
N HIS B 6 7.73 -17.38 10.27
CA HIS B 6 6.49 -18.12 10.10
C HIS B 6 6.70 -19.60 9.87
N VAL B 7 5.72 -20.38 10.32
CA VAL B 7 5.58 -21.78 9.94
C VAL B 7 4.15 -21.97 9.46
N GLU B 8 3.93 -21.71 8.18
CA GLU B 8 2.59 -21.64 7.60
C GLU B 8 2.12 -22.96 7.04
N SER B 9 1.01 -23.46 7.55
CA SER B 9 0.37 -24.64 7.00
C SER B 9 -0.96 -24.25 6.39
N THR B 10 -1.10 -24.50 5.09
CA THR B 10 -2.37 -24.22 4.41
C THR B 10 -3.15 -25.51 4.18
N CYS B 11 -4.46 -25.46 4.44
CA CYS B 11 -5.33 -26.59 4.17
C CYS B 11 -6.44 -26.23 3.17
N LEU B 12 -6.46 -26.97 2.07
CA LEU B 12 -7.30 -26.67 0.92
C LEU B 12 -8.27 -27.83 0.67
N LEU B 13 -9.53 -27.63 1.03
CA LEU B 13 -10.51 -28.70 0.94
C LEU B 13 -11.84 -28.19 0.37
N ASP B 14 -12.38 -28.91 -0.61
CA ASP B 14 -13.63 -28.48 -1.27
C ASP B 14 -14.82 -28.50 -0.31
N ASP B 15 -15.94 -27.91 -0.74
CA ASP B 15 -17.10 -27.67 0.14
C ASP B 15 -17.60 -28.90 0.92
N ALA B 16 -17.19 -30.09 0.50
CA ALA B 16 -17.58 -31.33 1.18
C ALA B 16 -16.64 -31.68 2.34
N GLY B 17 -15.34 -31.58 2.09
CA GLY B 17 -14.37 -31.85 3.13
C GLY B 17 -13.26 -32.79 2.72
N THR B 18 -12.86 -32.72 1.46
CA THR B 18 -11.72 -33.51 0.99
C THR B 18 -10.53 -32.64 0.59
N PRO B 19 -9.36 -32.93 1.15
CA PRO B 19 -8.11 -32.23 0.85
C PRO B 19 -7.63 -32.42 -0.59
N LYS B 20 -7.55 -31.31 -1.33
CA LYS B 20 -7.05 -31.36 -2.70
C LYS B 20 -5.58 -30.91 -2.77
N ASP B 21 -5.13 -30.20 -1.74
CA ASP B 21 -3.73 -29.86 -1.60
C ASP B 21 -3.42 -29.38 -0.19
N PHE B 22 -2.14 -29.32 0.13
CA PHE B 22 -1.66 -29.01 1.47
C PHE B 22 -0.19 -28.65 1.36
N THR B 23 0.20 -27.51 1.91
CA THR B 23 1.60 -27.08 1.88
C THR B 23 2.16 -26.76 3.27
N TYR B 24 3.45 -27.02 3.45
CA TYR B 24 4.11 -26.74 4.73
C TYR B 24 5.34 -25.84 4.52
N CYS B 25 5.11 -24.52 4.54
CA CYS B 25 6.16 -23.58 4.21
C CYS B 25 6.76 -22.93 5.44
N ILE B 26 8.03 -22.54 5.33
CA ILE B 26 8.77 -21.97 6.44
C ILE B 26 9.51 -20.70 6.00
N SER B 27 9.14 -19.57 6.59
CA SER B 27 9.71 -18.29 6.19
C SER B 27 10.40 -17.57 7.35
N PHE B 28 11.25 -16.60 7.03
CA PHE B 28 11.96 -15.84 8.05
C PHE B 28 12.31 -14.46 7.52
N ASN B 29 11.78 -13.43 8.16
CA ASN B 29 11.91 -12.06 7.67
C ASN B 29 11.16 -11.84 6.34
N LYS B 30 9.92 -12.35 6.30
CA LYS B 30 9.03 -12.20 5.15
C LYS B 30 9.70 -12.65 3.85
N ASP B 31 10.52 -13.69 3.99
CA ASP B 31 11.20 -14.33 2.88
C ASP B 31 10.72 -15.75 2.92
N LEU B 32 10.21 -16.29 1.82
CA LEU B 32 9.81 -17.71 1.84
C LEU B 32 11.03 -18.64 1.69
N LEU B 33 11.32 -19.45 2.70
CA LEU B 33 12.58 -20.19 2.73
C LEU B 33 12.51 -21.67 2.35
N THR B 34 11.75 -22.46 3.11
CA THR B 34 11.62 -23.89 2.79
C THR B 34 10.20 -24.41 2.93
N CYS B 35 9.77 -25.16 1.92
CA CYS B 35 8.44 -25.75 1.95
C CYS B 35 8.50 -27.26 1.72
N TRP B 36 7.34 -27.89 1.70
CA TRP B 36 7.26 -29.33 1.53
C TRP B 36 6.96 -29.67 0.08
N ASP B 37 7.73 -30.60 -0.46
CA ASP B 37 7.53 -31.09 -1.81
C ASP B 37 6.96 -32.50 -1.72
N PRO B 38 5.67 -32.65 -2.07
CA PRO B 38 5.06 -33.98 -2.01
C PRO B 38 5.61 -34.98 -3.03
N GLU B 39 6.06 -34.51 -4.19
CA GLU B 39 6.54 -35.39 -5.25
C GLU B 39 7.84 -36.13 -4.91
N GLU B 40 8.81 -35.42 -4.34
CA GLU B 40 10.07 -36.04 -3.93
C GLU B 40 10.12 -36.37 -2.43
N ASN B 41 9.02 -36.11 -1.73
CA ASN B 41 8.93 -36.38 -0.29
C ASN B 41 10.07 -35.82 0.55
N LYS B 42 10.43 -34.56 0.34
CA LYS B 42 11.52 -33.92 1.08
C LYS B 42 11.20 -32.50 1.54
N MET B 43 12.02 -31.96 2.43
CA MET B 43 11.85 -30.59 2.89
C MET B 43 12.76 -29.66 2.10
N ALA B 44 12.59 -29.65 0.78
CA ALA B 44 13.42 -28.86 -0.13
C ALA B 44 13.11 -27.37 -0.01
N PRO B 45 14.16 -26.53 -0.07
CA PRO B 45 14.01 -25.08 -0.08
C PRO B 45 13.09 -24.62 -1.21
N SER B 46 12.29 -23.59 -0.97
CA SER B 46 11.34 -23.12 -1.98
C SER B 46 12.00 -22.17 -2.98
N GLU B 47 11.78 -22.45 -4.26
CA GLU B 47 12.41 -21.73 -5.36
C GLU B 47 13.94 -21.60 -5.21
N PHE B 48 14.47 -20.43 -5.54
CA PHE B 48 15.90 -20.14 -5.34
C PHE B 48 16.01 -18.99 -4.33
N GLY B 49 17.21 -18.56 -4.00
CA GLY B 49 17.36 -17.48 -3.04
C GLY B 49 18.76 -16.90 -2.85
N VAL B 50 18.79 -15.60 -2.53
CA VAL B 50 20.03 -14.90 -2.20
C VAL B 50 20.51 -15.28 -0.80
N LEU B 51 19.58 -15.57 0.11
CA LEU B 51 19.93 -16.08 1.44
C LEU B 51 19.38 -17.49 1.66
N ASN B 52 19.18 -18.21 0.56
CA ASN B 52 18.65 -19.58 0.64
C ASN B 52 19.53 -20.57 1.40
N SER B 53 20.84 -20.29 1.49
CA SER B 53 21.78 -21.19 2.17
C SER B 53 21.27 -21.52 3.57
N LEU B 54 20.69 -20.51 4.23
CA LEU B 54 20.00 -20.69 5.48
C LEU B 54 18.86 -21.70 5.34
N ALA B 55 18.10 -21.57 4.24
CA ALA B 55 17.01 -22.51 3.97
C ALA B 55 17.52 -23.91 3.61
N ASN B 56 18.67 -23.98 2.94
CA ASN B 56 19.31 -25.26 2.63
C ASN B 56 19.78 -25.95 3.90
N VAL B 57 20.33 -25.18 4.83
CA VAL B 57 20.68 -25.66 6.15
C VAL B 57 19.39 -25.94 6.95
N LEU B 58 18.35 -25.16 6.67
CA LEU B 58 17.03 -25.40 7.25
C LEU B 58 16.37 -26.66 6.69
N SER B 59 16.97 -27.23 5.65
CA SER B 59 16.48 -28.46 5.07
C SER B 59 17.07 -29.64 5.83
N GLN B 60 18.26 -29.43 6.41
CA GLN B 60 18.97 -30.50 7.12
C GLN B 60 18.51 -30.63 8.57
N HIS B 61 18.33 -29.51 9.26
CA HIS B 61 17.60 -29.53 10.53
C HIS B 61 16.17 -29.51 10.03
N LEU B 62 15.38 -30.50 10.46
CA LEU B 62 14.20 -31.01 9.73
C LEU B 62 14.78 -31.94 8.70
N ASN B 63 14.01 -32.89 8.19
CA ASN B 63 14.57 -34.00 7.39
C ASN B 63 15.43 -34.93 8.23
N GLN B 64 15.69 -34.53 9.47
CA GLN B 64 16.37 -35.37 10.45
C GLN B 64 15.34 -35.78 11.49
N LYS B 65 14.08 -35.45 11.21
CA LYS B 65 12.99 -35.68 12.15
C LYS B 65 11.85 -36.49 11.53
N ASP B 66 11.99 -37.81 11.54
CA ASP B 66 10.93 -38.73 11.08
C ASP B 66 9.59 -38.46 11.76
N THR B 67 9.66 -38.04 13.03
CA THR B 67 8.47 -37.63 13.77
C THR B 67 7.72 -36.59 12.95
N LEU B 68 8.43 -35.56 12.54
CA LEU B 68 7.90 -34.61 11.57
C LEU B 68 7.73 -35.31 10.22
N MET B 69 8.84 -35.70 9.61
CA MET B 69 8.87 -36.30 8.27
C MET B 69 7.76 -37.30 7.95
N GLN B 70 7.11 -37.84 8.98
CA GLN B 70 5.96 -38.71 8.78
C GLN B 70 4.68 -37.90 8.61
N ARG B 71 4.53 -36.85 9.42
CA ARG B 71 3.35 -36.00 9.38
C ARG B 71 3.19 -35.29 8.04
N LEU B 72 4.31 -35.10 7.35
CA LEU B 72 4.30 -34.53 6.01
C LEU B 72 3.89 -35.59 4.99
N ARG B 73 4.26 -36.84 5.26
CA ARG B 73 3.82 -37.95 4.43
C ARG B 73 2.31 -38.16 4.66
N ASN B 74 1.88 -38.01 5.91
CA ASN B 74 0.45 -38.06 6.27
C ASN B 74 -0.31 -36.97 5.54
N GLY B 75 0.17 -35.74 5.69
CA GLY B 75 -0.23 -34.62 4.86
C GLY B 75 -1.71 -34.36 4.68
N LEU B 76 -2.20 -34.62 3.47
CA LEU B 76 -3.56 -34.26 3.07
C LEU B 76 -4.63 -34.73 4.05
N GLN B 77 -4.66 -36.03 4.34
CA GLN B 77 -5.71 -36.60 5.18
C GLN B 77 -5.69 -36.04 6.61
N ASN B 78 -4.53 -35.53 7.01
CA ASN B 78 -4.38 -34.93 8.33
C ASN B 78 -5.35 -33.75 8.51
N CYS B 79 -5.63 -33.05 7.42
CA CYS B 79 -6.57 -31.93 7.43
C CYS B 79 -7.98 -32.38 7.77
N ALA B 80 -8.47 -33.40 7.07
CA ALA B 80 -9.81 -33.92 7.32
C ALA B 80 -9.94 -34.36 8.77
N THR B 81 -8.87 -34.99 9.26
CA THR B 81 -8.78 -35.41 10.65
C THR B 81 -8.84 -34.21 11.58
N HIS B 82 -8.16 -33.13 11.19
CA HIS B 82 -8.15 -31.88 11.97
C HIS B 82 -9.44 -31.10 11.78
N THR B 83 -10.03 -31.18 10.59
CA THR B 83 -11.12 -30.27 10.25
C THR B 83 -12.55 -30.80 10.45
N GLN B 84 -12.72 -32.12 10.45
CA GLN B 84 -14.06 -32.73 10.46
C GLN B 84 -15.10 -32.23 11.49
N PRO B 85 -14.69 -31.99 12.76
CA PRO B 85 -15.68 -31.49 13.72
C PRO B 85 -16.41 -30.21 13.29
N PHE B 86 -15.66 -29.13 13.05
CA PHE B 86 -16.27 -27.85 12.71
C PHE B 86 -16.60 -27.69 11.21
N TRP B 87 -15.87 -28.41 10.36
CA TRP B 87 -15.92 -28.22 8.90
C TRP B 87 -17.31 -28.13 8.30
N GLY B 88 -18.19 -29.04 8.71
CA GLY B 88 -19.54 -29.06 8.20
C GLY B 88 -20.17 -27.71 8.38
N SER B 89 -20.22 -27.27 9.62
CA SER B 89 -20.92 -26.04 9.97
C SER B 89 -20.34 -24.79 9.31
N LEU B 90 -19.07 -24.83 8.93
CA LEU B 90 -18.43 -23.67 8.31
C LEU B 90 -18.72 -23.58 6.81
N THR B 91 -18.87 -24.73 6.16
CA THR B 91 -19.35 -24.73 4.78
C THR B 91 -20.86 -24.48 4.85
N ASP B 92 -21.44 -24.74 6.02
CA ASP B 92 -22.87 -24.59 6.26
C ASP B 92 -23.20 -23.20 6.81
N ARG B 93 -22.21 -22.52 7.38
CA ARG B 93 -22.45 -21.18 7.93
C ARG B 93 -22.88 -20.20 6.87
N THR B 94 -24.03 -19.57 7.09
CA THR B 94 -24.60 -18.67 6.12
C THR B 94 -25.59 -17.68 6.75
N ARG B 95 -25.35 -16.38 6.56
CA ARG B 95 -26.26 -15.35 7.10
C ARG B 95 -26.74 -14.39 6.00
N PRO B 96 -28.07 -14.26 5.82
CA PRO B 96 -28.61 -13.33 4.81
C PRO B 96 -28.26 -11.85 5.04
N PRO B 97 -28.27 -11.05 3.96
CA PRO B 97 -27.89 -9.63 3.99
C PRO B 97 -29.06 -8.66 4.11
N SER B 98 -29.14 -7.93 5.21
CA SER B 98 -30.11 -6.84 5.29
C SER B 98 -29.78 -5.83 4.20
N VAL B 99 -30.78 -5.28 3.53
CA VAL B 99 -30.53 -4.28 2.48
C VAL B 99 -31.47 -3.09 2.58
N GLN B 100 -30.95 -1.90 2.32
CA GLN B 100 -31.74 -0.68 2.39
C GLN B 100 -31.32 0.32 1.31
N VAL B 101 -32.26 1.12 0.81
CA VAL B 101 -31.97 2.07 -0.27
C VAL B 101 -32.28 3.50 0.16
N ALA B 102 -31.37 4.43 -0.11
CA ALA B 102 -31.56 5.82 0.28
C ALA B 102 -30.72 6.66 -0.66
N LYS B 103 -31.07 7.94 -0.84
CA LYS B 103 -30.24 8.79 -1.68
C LYS B 103 -28.86 9.02 -1.04
N THR B 104 -27.81 9.08 -1.86
CA THR B 104 -26.49 9.42 -1.37
C THR B 104 -25.99 10.61 -2.18
N THR B 105 -24.96 11.29 -1.70
CA THR B 105 -24.41 12.42 -2.45
C THR B 105 -23.79 11.99 -3.78
N PRO B 106 -24.34 12.53 -4.88
CA PRO B 106 -23.89 12.24 -6.26
C PRO B 106 -22.40 12.55 -6.50
N PHE B 107 -21.73 11.62 -7.14
CA PHE B 107 -20.30 11.72 -7.44
C PHE B 107 -20.02 11.17 -8.86
N ASN B 108 -19.20 11.87 -9.61
CA ASN B 108 -18.91 11.50 -10.99
C ASN B 108 -20.13 11.45 -11.91
N THR B 109 -21.01 12.44 -11.83
CA THR B 109 -22.21 12.35 -12.63
C THR B 109 -22.88 13.68 -12.96
N ARG B 110 -23.51 13.71 -14.12
CA ARG B 110 -24.28 14.85 -14.56
C ARG B 110 -25.70 14.74 -13.99
N GLU B 111 -26.04 13.56 -13.46
CA GLU B 111 -27.36 13.33 -12.88
C GLU B 111 -27.53 14.05 -11.54
N PRO B 112 -28.77 14.48 -11.24
CA PRO B 112 -29.11 15.13 -9.97
C PRO B 112 -29.38 14.17 -8.79
N VAL B 113 -29.68 12.91 -9.08
CA VAL B 113 -29.99 11.98 -8.00
C VAL B 113 -29.11 10.74 -8.09
N MET B 114 -28.65 10.28 -6.93
CA MET B 114 -27.84 9.06 -6.82
C MET B 114 -28.36 8.20 -5.67
N LEU B 115 -28.71 6.95 -5.97
CA LEU B 115 -29.17 6.05 -4.94
C LEU B 115 -28.07 5.08 -4.58
N ALA B 116 -27.95 4.80 -3.29
CA ALA B 116 -27.05 3.75 -2.86
C ALA B 116 -27.89 2.58 -2.38
N CYS B 117 -27.57 1.38 -2.87
CA CYS B 117 -28.19 0.20 -2.29
C CYS B 117 -27.25 -0.44 -1.28
N TYR B 118 -27.34 -0.07 -0.01
CA TYR B 118 -26.43 -0.64 0.98
C TYR B 118 -26.82 -2.09 1.25
N VAL B 119 -25.86 -2.91 1.64
CA VAL B 119 -26.07 -4.35 1.75
C VAL B 119 -25.11 -4.88 2.81
N TRP B 120 -25.61 -5.20 4.00
CA TRP B 120 -24.70 -5.56 5.10
C TRP B 120 -25.05 -6.81 5.91
N GLY B 121 -24.16 -7.15 6.84
CA GLY B 121 -24.33 -8.28 7.72
C GLY B 121 -24.60 -9.60 7.04
N PHE B 122 -23.69 -10.02 6.16
CA PHE B 122 -23.87 -11.30 5.47
C PHE B 122 -22.65 -12.20 5.52
N TYR B 123 -22.86 -13.49 5.25
CA TYR B 123 -21.79 -14.46 5.09
C TYR B 123 -22.37 -15.61 4.27
N PRO B 124 -21.63 -16.10 3.26
CA PRO B 124 -20.33 -15.62 2.80
C PRO B 124 -20.41 -14.30 2.02
N ALA B 125 -19.28 -13.86 1.47
CA ALA B 125 -19.14 -12.55 0.87
C ALA B 125 -19.59 -12.54 -0.57
N GLU B 126 -19.57 -13.69 -1.24
CA GLU B 126 -20.07 -13.76 -2.60
C GLU B 126 -21.49 -13.18 -2.58
N VAL B 127 -21.71 -12.10 -3.33
CA VAL B 127 -23.02 -11.47 -3.40
C VAL B 127 -23.12 -10.75 -4.73
N THR B 128 -24.33 -10.64 -5.25
CA THR B 128 -24.54 -9.92 -6.49
C THR B 128 -25.71 -8.92 -6.43
N ILE B 129 -25.40 -7.68 -6.80
CA ILE B 129 -26.33 -6.57 -6.70
C ILE B 129 -26.50 -5.92 -8.06
N THR B 130 -27.73 -5.94 -8.58
CA THR B 130 -28.07 -5.22 -9.81
C THR B 130 -29.25 -4.29 -9.61
N TRP B 131 -29.63 -3.59 -10.68
CA TRP B 131 -30.71 -2.60 -10.61
C TRP B 131 -31.79 -2.81 -11.65
N ARG B 132 -32.99 -2.30 -11.36
CA ARG B 132 -34.08 -2.26 -12.34
C ARG B 132 -34.84 -0.94 -12.34
N LYS B 133 -35.20 -0.45 -13.53
CA LYS B 133 -36.10 0.70 -13.65
C LYS B 133 -37.43 0.27 -14.23
N ASN B 134 -38.50 0.42 -13.45
CA ASN B 134 -39.82 0.07 -13.93
C ASN B 134 -39.88 -1.36 -14.45
N GLY B 135 -39.19 -2.27 -13.75
CA GLY B 135 -39.26 -3.68 -14.08
C GLY B 135 -38.16 -4.23 -14.96
N LYS B 136 -37.56 -3.36 -15.79
CA LYS B 136 -36.47 -3.77 -16.70
C LYS B 136 -35.08 -3.55 -16.08
N LEU B 137 -34.07 -4.26 -16.60
CA LEU B 137 -32.72 -4.24 -16.03
C LEU B 137 -31.79 -3.19 -16.65
N VAL B 138 -31.25 -2.33 -15.79
CA VAL B 138 -30.30 -1.30 -16.21
C VAL B 138 -28.93 -1.63 -15.62
N MET B 139 -27.89 -0.96 -16.13
CA MET B 139 -26.53 -1.09 -15.58
C MET B 139 -26.38 -0.20 -14.34
N PRO B 140 -25.50 -0.59 -13.40
CA PRO B 140 -25.16 0.22 -12.21
C PRO B 140 -24.10 1.29 -12.49
N HIS B 141 -23.89 2.20 -11.53
CA HIS B 141 -22.99 3.35 -11.70
C HIS B 141 -21.53 2.98 -11.92
N SER B 142 -20.90 2.28 -10.99
CA SER B 142 -19.53 1.82 -11.21
C SER B 142 -19.51 0.48 -11.92
N SER B 143 -18.41 0.17 -12.59
CA SER B 143 -18.24 -1.12 -13.23
C SER B 143 -17.11 -1.88 -12.55
N ALA B 144 -16.22 -1.14 -11.91
CA ALA B 144 -15.18 -1.75 -11.09
C ALA B 144 -15.85 -2.65 -10.06
N HIS B 145 -15.45 -3.91 -10.05
CA HIS B 145 -16.02 -4.87 -9.11
C HIS B 145 -15.43 -4.67 -7.71
N LYS B 146 -16.27 -4.20 -6.79
CA LYS B 146 -15.91 -4.07 -5.39
C LYS B 146 -16.15 -5.41 -4.70
N THR B 147 -15.11 -6.03 -4.16
CA THR B 147 -15.31 -7.20 -3.30
C THR B 147 -15.79 -6.67 -1.97
N ALA B 148 -16.61 -7.45 -1.27
CA ALA B 148 -17.15 -6.95 -0.02
C ALA B 148 -16.06 -6.78 1.03
N GLN B 149 -16.24 -5.80 1.89
CA GLN B 149 -15.30 -5.52 2.96
C GLN B 149 -15.64 -6.36 4.18
N PRO B 150 -14.67 -7.14 4.66
CA PRO B 150 -14.86 -7.91 5.90
C PRO B 150 -15.12 -7.03 7.12
N ASN B 151 -16.01 -7.44 8.01
CA ASN B 151 -16.20 -6.65 9.22
C ASN B 151 -15.35 -7.20 10.37
N GLY B 152 -14.70 -8.33 10.12
CA GLY B 152 -13.84 -8.94 11.12
C GLY B 152 -14.58 -9.84 12.09
N ASP B 153 -15.91 -9.80 12.06
CA ASP B 153 -16.71 -10.70 12.91
C ASP B 153 -17.58 -11.65 12.10
N TRP B 154 -17.03 -12.17 11.01
CA TRP B 154 -17.68 -13.15 10.13
C TRP B 154 -18.89 -12.61 9.33
N THR B 155 -19.09 -11.29 9.38
CA THR B 155 -20.07 -10.62 8.55
C THR B 155 -19.35 -9.75 7.53
N TYR B 156 -20.00 -9.44 6.42
CA TYR B 156 -19.40 -8.62 5.37
C TYR B 156 -20.38 -7.52 4.98
N GLN B 157 -19.93 -6.58 4.14
CA GLN B 157 -20.81 -5.51 3.66
C GLN B 157 -20.36 -4.90 2.33
N THR B 158 -21.23 -4.11 1.72
CA THR B 158 -20.97 -3.58 0.39
C THR B 158 -22.10 -2.65 -0.05
N LEU B 159 -22.01 -2.12 -1.27
CA LEU B 159 -23.06 -1.29 -1.84
C LEU B 159 -22.93 -1.16 -3.35
N SER B 160 -23.98 -0.65 -4.00
CA SER B 160 -23.94 -0.34 -5.43
C SER B 160 -24.61 1.01 -5.62
N HIS B 161 -24.24 1.75 -6.65
CA HIS B 161 -24.83 3.08 -6.84
C HIS B 161 -25.55 3.15 -8.16
N LEU B 162 -26.51 4.07 -8.26
CA LEU B 162 -27.26 4.25 -9.50
C LEU B 162 -27.64 5.70 -9.72
N ALA B 163 -27.37 6.22 -10.90
CA ALA B 163 -27.57 7.64 -11.15
C ALA B 163 -28.68 7.92 -12.15
N LEU B 164 -29.70 8.66 -11.69
CA LEU B 164 -30.91 8.90 -12.48
C LEU B 164 -31.34 10.36 -12.46
N THR B 165 -32.07 10.76 -13.49
CA THR B 165 -32.81 12.01 -13.45
C THR B 165 -34.25 11.61 -13.10
N PRO B 166 -34.80 12.17 -11.99
CA PRO B 166 -36.05 11.67 -11.38
C PRO B 166 -37.36 12.02 -12.09
N SER B 167 -38.21 11.01 -12.21
CA SER B 167 -39.60 11.21 -12.61
C SER B 167 -40.46 10.28 -11.74
N TYR B 168 -41.49 10.84 -11.10
CA TYR B 168 -42.23 10.13 -10.06
C TYR B 168 -42.98 8.87 -10.53
N GLY B 169 -43.23 8.76 -11.83
CA GLY B 169 -43.90 7.60 -12.38
C GLY B 169 -43.01 6.38 -12.31
N ASP B 170 -41.70 6.63 -12.20
CA ASP B 170 -40.71 5.57 -12.28
C ASP B 170 -40.50 4.87 -10.94
N THR B 171 -40.26 3.57 -11.01
CA THR B 171 -39.91 2.82 -9.81
C THR B 171 -38.60 2.08 -10.03
N TYR B 172 -37.57 2.55 -9.32
CA TYR B 172 -36.27 1.91 -9.37
C TYR B 172 -36.20 0.83 -8.29
N THR B 173 -35.56 -0.28 -8.64
CA THR B 173 -35.54 -1.44 -7.78
C THR B 173 -34.14 -2.03 -7.74
N CYS B 174 -33.72 -2.46 -6.54
CA CYS B 174 -32.37 -2.97 -6.31
C CYS B 174 -32.46 -4.44 -5.90
N VAL B 175 -31.68 -5.29 -6.56
CA VAL B 175 -31.81 -6.74 -6.41
C VAL B 175 -30.56 -7.39 -5.85
N VAL B 176 -30.71 -8.08 -4.72
CA VAL B 176 -29.57 -8.70 -4.04
C VAL B 176 -29.66 -10.23 -4.05
N GLU B 177 -28.65 -10.89 -4.61
CA GLU B 177 -28.64 -12.34 -4.73
C GLU B 177 -27.58 -13.00 -3.85
N HIS B 178 -27.80 -13.02 -2.56
CA HIS B 178 -26.90 -13.76 -1.69
C HIS B 178 -27.26 -15.25 -1.71
N ILE B 179 -26.30 -16.10 -1.36
CA ILE B 179 -26.56 -17.53 -1.20
C ILE B 179 -27.34 -17.73 0.08
N GLY B 180 -27.30 -16.72 0.94
CA GLY B 180 -28.01 -16.71 2.21
C GLY B 180 -29.50 -16.87 2.06
N ALA B 181 -30.05 -16.23 1.03
CA ALA B 181 -31.46 -16.40 0.71
C ALA B 181 -31.60 -17.21 -0.58
N PRO B 182 -32.71 -17.96 -0.69
CA PRO B 182 -33.09 -18.66 -1.92
C PRO B 182 -33.89 -17.74 -2.84
N GLU B 183 -34.45 -16.69 -2.24
CA GLU B 183 -35.25 -15.71 -2.94
C GLU B 183 -34.52 -14.39 -3.01
N PRO B 184 -34.35 -13.86 -4.23
CA PRO B 184 -33.85 -12.50 -4.43
C PRO B 184 -34.62 -11.46 -3.59
N ILE B 185 -33.86 -10.64 -2.88
CA ILE B 185 -34.40 -9.56 -2.06
C ILE B 185 -34.52 -8.31 -2.90
N LEU B 186 -35.71 -7.69 -2.93
CA LEU B 186 -35.89 -6.47 -3.69
C LEU B 186 -36.15 -5.29 -2.75
N ARG B 187 -35.79 -4.07 -3.20
CA ARG B 187 -36.11 -2.83 -2.50
C ARG B 187 -36.47 -1.73 -3.50
N ASP B 188 -37.71 -1.29 -3.48
CA ASP B 188 -38.19 -0.30 -4.45
C ASP B 188 -37.79 1.12 -4.05
N TRP B 189 -37.70 2.01 -5.05
CA TRP B 189 -37.50 3.42 -4.76
C TRP B 189 -38.30 4.28 -5.74
N THR B 190 -39.05 5.24 -5.21
CA THR B 190 -39.82 6.14 -6.06
C THR B 190 -39.55 7.57 -5.66
N PRO B 191 -39.39 8.46 -6.65
CA PRO B 191 -39.17 9.90 -6.49
C PRO B 191 -40.05 10.62 -5.45
N GLY B 192 -41.27 10.14 -5.20
CA GLY B 192 -42.09 10.67 -4.11
C GLY B 192 -42.20 9.72 -2.92
N LEU B 193 -41.06 9.31 -2.38
CA LEU B 193 -40.99 8.36 -1.27
C LEU B 193 -40.51 9.07 -0.01
N GLU C 3 8.14 6.40 -25.02
CA GLU C 3 8.41 5.27 -24.12
C GLU C 3 7.23 4.99 -23.16
N GLU C 4 6.98 3.72 -22.90
CA GLU C 4 5.81 3.30 -22.11
C GLU C 4 5.99 3.38 -20.59
N HIS C 5 7.11 2.89 -20.07
CA HIS C 5 7.31 2.74 -18.63
C HIS C 5 8.80 2.76 -18.30
N VAL C 6 9.15 3.15 -17.08
CA VAL C 6 10.54 3.08 -16.61
C VAL C 6 10.66 2.52 -15.20
N ILE C 7 11.53 1.53 -15.04
CA ILE C 7 11.89 1.02 -13.72
C ILE C 7 13.31 1.43 -13.40
N ILE C 8 13.50 2.08 -12.26
CA ILE C 8 14.82 2.53 -11.87
C ILE C 8 15.20 1.95 -10.54
N GLN C 9 16.37 1.31 -10.49
CA GLN C 9 16.98 0.90 -9.23
C GLN C 9 17.99 1.97 -8.94
N ALA C 10 17.82 2.62 -7.78
CA ALA C 10 18.59 3.82 -7.47
C ALA C 10 19.16 3.77 -6.05
N GLU C 11 20.48 3.86 -5.98
CA GLU C 11 21.17 3.81 -4.72
C GLU C 11 21.95 5.11 -4.48
N PHE C 12 22.26 5.42 -3.23
CA PHE C 12 23.27 6.45 -2.94
C PHE C 12 23.98 6.26 -1.60
N TYR C 13 25.20 6.81 -1.48
CA TYR C 13 25.87 6.93 -0.18
C TYR C 13 26.35 8.36 0.00
N LEU C 14 26.36 8.86 1.23
CA LEU C 14 26.73 10.25 1.47
C LEU C 14 27.65 10.43 2.68
N ASN C 15 28.82 11.05 2.50
CA ASN C 15 29.69 11.38 3.63
C ASN C 15 29.66 12.88 3.88
N PRO C 16 29.91 13.29 5.15
CA PRO C 16 30.22 12.51 6.36
C PRO C 16 29.03 11.74 6.90
N ASP C 17 27.82 12.07 6.49
CA ASP C 17 26.63 11.59 7.16
C ASP C 17 26.52 10.09 7.34
N GLN C 18 27.18 9.32 6.48
CA GLN C 18 27.07 7.86 6.49
C GLN C 18 25.63 7.41 6.29
N SER C 19 24.88 8.23 5.57
CA SER C 19 23.53 7.90 5.20
C SER C 19 23.57 7.27 3.81
N GLY C 20 22.51 6.58 3.44
CA GLY C 20 22.58 5.80 2.23
C GLY C 20 21.26 5.10 2.05
N GLU C 21 20.97 4.69 0.82
CA GLU C 21 19.63 4.30 0.46
C GLU C 21 19.67 3.44 -0.80
N PHE C 22 18.74 2.49 -0.90
CA PHE C 22 18.67 1.60 -2.05
C PHE C 22 17.20 1.44 -2.31
N MET C 23 16.75 1.84 -3.51
CA MET C 23 15.32 1.82 -3.84
C MET C 23 14.96 1.54 -5.31
N PHE C 24 13.81 0.94 -5.53
CA PHE C 24 13.25 0.77 -6.86
C PHE C 24 12.11 1.76 -7.07
N ASP C 25 11.97 2.31 -8.27
CA ASP C 25 10.76 3.06 -8.54
C ASP C 25 10.15 2.73 -9.88
N PHE C 26 8.82 2.78 -9.94
CA PHE C 26 8.09 2.54 -11.16
C PHE C 26 7.47 3.84 -11.64
N ASP C 27 7.86 4.27 -12.82
CA ASP C 27 7.37 5.52 -13.41
C ASP C 27 7.46 6.72 -12.48
N GLY C 28 8.23 6.62 -11.42
CA GLY C 28 8.46 7.78 -10.60
C GLY C 28 7.85 7.60 -9.24
N ASP C 29 7.25 6.43 -9.03
CA ASP C 29 6.62 6.11 -7.75
C ASP C 29 7.45 5.04 -7.07
N GLU C 30 7.81 5.25 -5.80
CA GLU C 30 8.63 4.30 -5.05
C GLU C 30 7.94 2.94 -4.96
N ILE C 31 8.65 1.87 -5.29
CA ILE C 31 8.08 0.55 -5.10
C ILE C 31 8.40 0.06 -3.68
N PHE C 32 9.68 0.20 -3.30
CA PHE C 32 10.14 -0.11 -1.96
C PHE C 32 11.54 0.45 -1.71
N HIS C 33 12.05 0.37 -0.49
CA HIS C 33 13.40 0.84 -0.25
C HIS C 33 14.07 0.15 0.93
N VAL C 34 15.36 0.40 1.07
CA VAL C 34 16.14 0.00 2.24
C VAL C 34 17.04 1.17 2.67
N ASP C 35 17.02 1.49 3.96
CA ASP C 35 17.76 2.64 4.44
C ASP C 35 18.96 2.26 5.27
N MET C 36 19.92 3.17 5.37
CA MET C 36 21.03 3.02 6.31
C MET C 36 20.55 3.52 7.67
N ALA C 37 19.66 4.50 7.58
CA ALA C 37 19.01 5.12 8.73
C ALA C 37 18.20 4.14 9.59
N LYS C 38 17.45 3.24 8.94
CA LYS C 38 16.61 2.30 9.69
C LYS C 38 16.92 0.84 9.35
N LYS C 39 17.61 0.62 8.24
CA LYS C 39 17.89 -0.72 7.76
C LYS C 39 16.66 -1.60 7.72
N GLU C 40 15.53 -1.02 7.31
CA GLU C 40 14.32 -1.80 7.07
C GLU C 40 14.09 -1.88 5.58
N THR C 41 13.50 -2.99 5.17
CA THR C 41 13.00 -3.13 3.82
C THR C 41 11.55 -2.77 3.94
N VAL C 42 11.16 -1.67 3.30
CA VAL C 42 9.78 -1.21 3.39
C VAL C 42 9.10 -1.11 2.01
N TRP C 43 8.03 -1.88 1.84
CA TRP C 43 7.23 -1.82 0.62
C TRP C 43 6.30 -0.60 0.59
N ARG C 44 6.28 0.11 -0.53
CA ARG C 44 5.52 1.37 -0.61
C ARG C 44 4.00 1.23 -0.41
N LEU C 45 3.42 0.21 -1.03
CA LEU C 45 2.01 -0.13 -0.84
C LEU C 45 1.99 -1.59 -0.45
N GLU C 46 0.93 -2.01 0.24
CA GLU C 46 0.84 -3.38 0.76
C GLU C 46 1.00 -4.46 -0.31
N GLU C 47 0.54 -4.22 -1.53
CA GLU C 47 0.64 -5.25 -2.56
C GLU C 47 2.08 -5.58 -2.97
N PHE C 48 2.99 -4.64 -2.74
CA PHE C 48 4.39 -4.82 -3.11
C PHE C 48 5.10 -5.69 -2.08
N GLY C 49 4.64 -5.59 -0.84
CA GLY C 49 5.26 -6.28 0.28
C GLY C 49 5.40 -7.76 0.13
N ARG C 50 4.38 -8.37 -0.47
CA ARG C 50 4.38 -9.80 -0.69
C ARG C 50 5.68 -10.27 -1.38
N PHE C 51 6.18 -9.48 -2.32
CA PHE C 51 7.43 -9.79 -2.99
C PHE C 51 8.62 -8.93 -2.56
N ALA C 52 8.36 -7.79 -1.92
CA ALA C 52 9.38 -6.74 -1.82
C ALA C 52 10.65 -7.20 -1.13
N SER C 53 10.53 -8.23 -0.30
CA SER C 53 11.64 -8.62 0.55
C SER C 53 12.69 -9.46 -0.15
N PHE C 54 12.31 -10.13 -1.24
CA PHE C 54 13.32 -10.92 -1.95
C PHE C 54 14.06 -10.15 -3.07
N GLU C 55 13.51 -9.02 -3.49
CA GLU C 55 14.26 -8.13 -4.36
C GLU C 55 15.19 -7.20 -3.58
N ALA C 56 14.90 -7.00 -2.30
CA ALA C 56 15.70 -6.10 -1.47
C ALA C 56 17.10 -6.64 -1.12
N GLN C 57 17.22 -7.91 -0.78
CA GLN C 57 18.54 -8.47 -0.61
C GLN C 57 19.20 -8.57 -1.99
N GLY C 58 20.48 -8.28 -2.05
CA GLY C 58 21.21 -7.81 -0.90
C GLY C 58 21.56 -6.36 -1.03
N ALA C 59 20.67 -5.50 -0.52
CA ALA C 59 20.82 -4.05 -0.63
C ALA C 59 22.02 -3.56 0.13
N LEU C 60 22.17 -4.00 1.39
CA LEU C 60 23.25 -3.51 2.22
C LEU C 60 24.60 -3.77 1.55
N ALA C 61 24.72 -4.91 0.87
CA ALA C 61 25.93 -5.21 0.10
C ALA C 61 26.18 -4.15 -0.96
N ASN C 62 25.13 -3.78 -1.68
CA ASN C 62 25.21 -2.76 -2.71
C ASN C 62 25.61 -1.39 -2.15
N ILE C 63 25.11 -1.07 -0.97
CA ILE C 63 25.29 0.25 -0.40
C ILE C 63 26.72 0.37 0.10
N ALA C 64 27.22 -0.73 0.65
CA ALA C 64 28.61 -0.89 1.05
C ALA C 64 29.50 -0.59 -0.13
N CYS C 65 29.13 -1.12 -1.29
CA CYS C 65 29.85 -0.89 -2.52
C CYS C 65 29.78 0.57 -2.94
N ASP C 66 28.61 1.18 -2.83
CA ASP C 66 28.48 2.58 -3.19
C ASP C 66 29.36 3.41 -2.27
N LYS C 67 29.50 2.94 -1.04
CA LYS C 67 30.33 3.62 -0.06
C LYS C 67 31.78 3.61 -0.48
N ALA C 68 32.25 2.43 -0.86
CA ALA C 68 33.61 2.25 -1.36
C ALA C 68 33.86 3.17 -2.54
N ASN C 69 33.02 3.08 -3.56
CA ASN C 69 33.18 3.89 -4.78
C ASN C 69 33.16 5.37 -4.43
N LEU C 70 32.33 5.72 -3.44
CA LEU C 70 32.26 7.10 -2.97
C LEU C 70 33.61 7.56 -2.47
N GLU C 71 34.23 6.78 -1.61
CA GLU C 71 35.47 7.25 -1.05
C GLU C 71 36.52 7.34 -2.16
N ILE C 72 36.52 6.38 -3.07
CA ILE C 72 37.46 6.45 -4.18
C ILE C 72 37.21 7.73 -5.00
N MET C 73 35.99 7.92 -5.47
CA MET C 73 35.75 9.07 -6.32
C MET C 73 36.00 10.42 -5.63
N THR C 74 35.78 10.46 -4.32
CA THR C 74 36.09 11.65 -3.55
C THR C 74 37.55 11.96 -3.70
N LYS C 75 38.39 10.96 -3.45
CA LYS C 75 39.82 11.17 -3.44
C LYS C 75 40.26 11.57 -4.83
N ARG C 76 39.69 10.93 -5.83
CA ARG C 76 40.07 11.16 -7.19
C ARG C 76 39.71 12.54 -7.66
N SER C 77 38.67 13.12 -7.07
CA SER C 77 38.25 14.42 -7.53
C SER C 77 39.02 15.50 -6.78
N ASN C 78 40.12 15.09 -6.14
CA ASN C 78 40.84 15.96 -5.20
C ASN C 78 39.91 16.54 -4.20
N TYR C 79 39.03 15.68 -3.70
CA TYR C 79 38.17 16.02 -2.57
C TYR C 79 37.15 17.14 -2.85
N THR C 80 36.63 17.21 -4.06
CA THR C 80 35.63 18.24 -4.39
C THR C 80 34.28 17.94 -3.75
N PRO C 81 33.79 18.86 -2.92
CA PRO C 81 32.52 18.64 -2.22
C PRO C 81 31.37 19.02 -3.13
N ILE C 82 30.22 18.37 -2.92
CA ILE C 82 29.00 18.71 -3.63
C ILE C 82 28.62 20.14 -3.35
N THR C 83 27.90 20.74 -4.28
CA THR C 83 27.37 22.06 -4.00
C THR C 83 25.86 22.02 -3.70
N ASN C 84 25.47 22.52 -2.53
CA ASN C 84 24.05 22.52 -2.11
C ASN C 84 23.12 23.12 -3.14
N VAL C 85 21.99 22.46 -3.35
CA VAL C 85 20.89 23.01 -4.15
C VAL C 85 19.64 23.00 -3.31
N PRO C 86 19.16 24.20 -2.94
CA PRO C 86 18.00 24.39 -2.06
C PRO C 86 16.75 23.85 -2.69
N PRO C 87 15.88 23.21 -1.86
CA PRO C 87 14.64 22.60 -2.36
C PRO C 87 13.62 23.64 -2.77
N GLU C 88 12.72 23.29 -3.68
CA GLU C 88 11.50 24.06 -3.72
C GLU C 88 10.36 23.28 -3.10
N VAL C 89 9.48 23.98 -2.39
CA VAL C 89 8.45 23.32 -1.57
C VAL C 89 7.05 23.78 -1.90
N THR C 90 6.12 22.83 -1.98
CA THR C 90 4.73 23.12 -2.28
C THR C 90 3.84 22.34 -1.37
N VAL C 91 2.78 22.96 -0.85
CA VAL C 91 1.80 22.21 -0.04
C VAL C 91 0.48 22.08 -0.79
N LEU C 92 -0.14 20.91 -0.71
CA LEU C 92 -1.42 20.68 -1.38
C LEU C 92 -2.24 19.68 -0.61
N THR C 93 -3.40 19.31 -1.17
CA THR C 93 -4.20 18.24 -0.59
C THR C 93 -4.44 17.09 -1.57
N ASN C 94 -4.89 15.94 -1.08
CA ASN C 94 -5.39 14.86 -1.93
C ASN C 94 -6.44 15.33 -2.91
N SER C 95 -7.58 15.71 -2.35
CA SER C 95 -8.70 16.17 -3.12
C SER C 95 -8.99 17.56 -2.63
N PRO C 96 -9.94 18.26 -3.29
CA PRO C 96 -10.23 19.66 -2.88
C PRO C 96 -10.93 19.71 -1.52
N VAL C 97 -10.58 20.69 -0.70
CA VAL C 97 -11.06 20.73 0.69
C VAL C 97 -12.52 21.09 0.86
N GLU C 98 -13.20 20.28 1.66
CA GLU C 98 -14.54 20.54 2.12
C GLU C 98 -14.48 20.63 3.64
N LEU C 99 -14.96 21.74 4.19
CA LEU C 99 -15.02 21.94 5.64
C LEU C 99 -15.58 20.74 6.36
N ARG C 100 -14.80 20.18 7.29
CA ARG C 100 -15.24 19.11 8.19
C ARG C 100 -15.23 17.72 7.56
N GLU C 101 -14.92 17.65 6.26
CA GLU C 101 -14.69 16.36 5.61
C GLU C 101 -13.19 16.09 5.57
N PRO C 102 -12.76 14.96 6.16
CA PRO C 102 -11.36 14.58 6.28
C PRO C 102 -10.58 14.70 4.98
N ASN C 103 -9.31 15.09 5.09
CA ASN C 103 -8.42 15.24 3.96
C ASN C 103 -6.96 14.92 4.34
N VAL C 104 -6.05 15.06 3.38
CA VAL C 104 -4.64 14.87 3.62
C VAL C 104 -3.85 16.02 3.05
N LEU C 105 -2.96 16.58 3.85
CA LEU C 105 -2.05 17.59 3.34
C LEU C 105 -0.87 16.89 2.76
N ILE C 106 -0.39 17.40 1.63
CA ILE C 106 0.87 16.94 1.04
C ILE C 106 1.95 18.01 1.00
N CYS C 107 3.12 17.63 1.52
CA CYS C 107 4.34 18.46 1.36
C CYS C 107 5.27 17.88 0.31
N PHE C 108 5.42 18.62 -0.79
CA PHE C 108 6.29 18.23 -1.89
C PHE C 108 7.60 18.95 -1.79
N ILE C 109 8.63 18.22 -1.43
CA ILE C 109 9.96 18.80 -1.41
C ILE C 109 10.71 18.32 -2.65
N ASP C 110 11.15 19.24 -3.49
CA ASP C 110 11.68 18.85 -4.78
C ASP C 110 12.94 19.62 -5.17
N LYS C 111 13.77 19.01 -6.04
CA LYS C 111 14.87 19.68 -6.77
C LYS C 111 15.96 20.17 -5.86
N PHE C 112 16.34 19.30 -4.92
CA PHE C 112 17.40 19.58 -3.95
C PHE C 112 18.42 18.45 -3.91
N THR C 113 19.66 18.83 -3.59
CA THR C 113 20.71 17.91 -3.18
C THR C 113 21.55 18.68 -2.17
N PRO C 114 22.28 17.98 -1.26
CA PRO C 114 22.37 16.54 -0.95
C PRO C 114 21.08 15.99 -0.35
N PRO C 115 20.82 14.68 -0.52
CA PRO C 115 19.62 14.09 0.06
C PRO C 115 19.62 14.14 1.60
N VAL C 116 19.45 15.32 2.17
CA VAL C 116 19.38 15.46 3.62
C VAL C 116 18.55 16.68 3.97
N VAL C 117 17.52 16.46 4.78
CA VAL C 117 16.46 17.46 4.97
C VAL C 117 15.81 17.32 6.34
N ASN C 118 15.32 18.43 6.90
CA ASN C 118 14.50 18.34 8.11
C ASN C 118 13.09 18.86 7.85
N VAL C 119 12.09 17.99 8.06
CA VAL C 119 10.72 18.37 7.70
C VAL C 119 9.76 18.45 8.89
N THR C 120 9.20 19.63 9.13
CA THR C 120 8.23 19.73 10.21
C THR C 120 6.84 20.17 9.71
N TRP C 121 5.85 19.37 10.06
CA TRP C 121 4.48 19.81 9.96
C TRP C 121 4.12 20.65 11.19
N LEU C 122 3.49 21.81 10.98
CA LEU C 122 2.99 22.61 12.10
C LEU C 122 1.53 22.96 11.95
N ARG C 123 0.74 22.72 12.99
CA ARG C 123 -0.65 23.16 13.05
C ARG C 123 -0.77 24.35 13.98
N ASN C 124 -1.07 25.51 13.41
CA ASN C 124 -0.95 26.77 14.13
C ASN C 124 0.33 26.83 14.96
N GLY C 125 1.49 27.00 14.32
CA GLY C 125 2.74 27.11 15.04
C GLY C 125 3.25 25.93 15.86
N LYS C 126 2.45 24.87 16.00
CA LYS C 126 2.85 23.79 16.89
C LYS C 126 3.16 22.56 16.10
N PRO C 127 4.28 21.89 16.44
CA PRO C 127 4.71 20.68 15.74
C PRO C 127 3.74 19.55 15.93
N VAL C 128 3.10 19.17 14.83
CA VAL C 128 2.24 18.00 14.80
C VAL C 128 3.18 16.83 14.72
N THR C 129 2.97 15.80 15.53
CA THR C 129 3.87 14.65 15.45
C THR C 129 3.10 13.37 15.20
N THR C 130 1.79 13.41 15.42
CA THR C 130 0.97 12.22 15.31
C THR C 130 0.36 12.04 13.92
N GLY C 131 0.48 10.82 13.40
CA GLY C 131 -0.13 10.44 12.15
C GLY C 131 0.60 10.96 10.94
N VAL C 132 1.75 11.63 11.15
CA VAL C 132 2.53 12.13 10.02
C VAL C 132 3.22 10.96 9.40
N SER C 133 3.52 11.07 8.11
CA SER C 133 4.14 9.98 7.39
C SER C 133 4.88 10.51 6.16
N GLU C 134 6.01 9.89 5.82
CA GLU C 134 6.86 10.36 4.72
C GLU C 134 7.34 9.27 3.77
N THR C 135 8.05 9.70 2.73
CA THR C 135 8.73 8.80 1.79
C THR C 135 10.23 9.00 1.93
N VAL C 136 11.04 8.06 1.43
CA VAL C 136 12.47 8.32 1.39
C VAL C 136 12.79 9.30 0.27
N PHE C 137 14.07 9.52 0.04
CA PHE C 137 14.53 10.43 -1.02
C PHE C 137 14.32 9.76 -2.37
N LEU C 138 13.66 10.42 -3.31
CA LEU C 138 13.40 9.78 -4.57
C LEU C 138 14.27 10.40 -5.68
N PRO C 139 14.72 9.57 -6.64
CA PRO C 139 15.64 10.06 -7.67
C PRO C 139 14.96 11.05 -8.59
N ARG C 140 15.75 11.81 -9.33
CA ARG C 140 15.31 12.66 -10.43
C ARG C 140 16.38 12.58 -11.52
N GLU C 141 15.99 12.82 -12.75
CA GLU C 141 16.87 12.67 -13.89
C GLU C 141 18.01 13.70 -13.94
N ASP C 142 17.88 14.81 -13.23
CA ASP C 142 18.98 15.78 -13.13
C ASP C 142 19.87 15.49 -11.90
N HIS C 143 19.57 14.37 -11.26
CA HIS C 143 20.37 13.81 -10.16
C HIS C 143 20.22 14.55 -8.86
N LEU C 144 19.24 15.43 -8.82
CA LEU C 144 18.76 15.97 -7.57
C LEU C 144 17.74 14.97 -7.00
N PHE C 145 17.03 15.33 -5.93
CA PHE C 145 16.07 14.42 -5.32
C PHE C 145 14.68 15.09 -5.12
N ARG C 146 13.67 14.27 -4.76
CA ARG C 146 12.36 14.71 -4.27
C ARG C 146 12.02 13.90 -3.04
N LYS C 147 11.00 14.36 -2.32
CA LYS C 147 10.52 13.73 -1.10
C LYS C 147 9.12 14.26 -0.83
N PHE C 148 8.30 13.43 -0.17
CA PHE C 148 6.93 13.77 0.18
C PHE C 148 6.69 13.60 1.67
N HIS C 149 5.94 14.53 2.26
CA HIS C 149 5.44 14.38 3.62
C HIS C 149 3.94 14.53 3.64
N TYR C 150 3.35 13.87 4.62
CA TYR C 150 1.92 13.74 4.64
C TYR C 150 1.34 13.99 6.02
N LEU C 151 0.22 14.69 6.03
CA LEU C 151 -0.58 14.85 7.22
C LEU C 151 -2.05 14.64 6.87
N PRO C 152 -2.66 13.49 7.28
CA PRO C 152 -4.12 13.47 7.19
C PRO C 152 -4.75 14.42 8.20
N PHE C 153 -5.69 15.24 7.77
CA PHE C 153 -6.30 16.18 8.70
C PHE C 153 -7.79 16.36 8.51
N LEU C 154 -8.32 17.36 9.20
CA LEU C 154 -9.74 17.58 9.13
C LEU C 154 -9.95 19.07 9.00
N PRO C 155 -10.28 19.52 7.78
CA PRO C 155 -10.43 20.93 7.42
C PRO C 155 -11.30 21.66 8.43
N SER C 156 -10.87 22.86 8.80
CA SER C 156 -11.52 23.61 9.85
C SER C 156 -11.04 25.04 9.70
N THR C 157 -11.85 26.02 10.07
CA THR C 157 -11.44 27.41 9.84
C THR C 157 -10.55 27.94 10.94
N GLU C 158 -10.25 27.10 11.93
CA GLU C 158 -9.44 27.54 13.05
C GLU C 158 -7.98 27.17 12.87
N ASP C 159 -7.75 26.03 12.24
CA ASP C 159 -6.42 25.49 12.06
C ASP C 159 -5.82 25.85 10.73
N VAL C 160 -4.63 26.44 10.78
CA VAL C 160 -3.81 26.60 9.60
C VAL C 160 -2.60 25.69 9.73
N TYR C 161 -1.99 25.34 8.60
CA TYR C 161 -0.83 24.45 8.59
C TYR C 161 0.37 25.02 7.89
N ASP C 162 1.56 24.55 8.29
CA ASP C 162 2.80 24.85 7.58
C ASP C 162 3.63 23.61 7.48
N CYS C 163 4.26 23.46 6.32
CA CYS C 163 5.43 22.60 6.15
C CYS C 163 6.69 23.42 6.42
N ARG C 164 7.49 22.97 7.38
CA ARG C 164 8.80 23.60 7.63
C ARG C 164 9.96 22.73 7.15
N VAL C 165 10.71 23.25 6.18
CA VAL C 165 11.81 22.50 5.61
C VAL C 165 13.21 23.04 5.95
N GLU C 166 14.08 22.17 6.44
CA GLU C 166 15.47 22.56 6.67
C GLU C 166 16.45 21.83 5.74
N HIS C 167 17.39 22.59 5.19
CA HIS C 167 18.31 22.08 4.19
C HIS C 167 19.47 23.04 4.05
N TRP C 168 20.67 22.48 3.91
CA TRP C 168 21.89 23.29 3.95
C TRP C 168 21.90 24.37 2.91
N GLY C 169 21.16 24.18 1.82
CA GLY C 169 21.09 25.13 0.73
C GLY C 169 20.20 26.34 0.96
N LEU C 170 19.48 26.35 2.08
CA LEU C 170 18.51 27.40 2.43
C LEU C 170 19.06 28.36 3.45
N ASP C 171 18.88 29.66 3.23
CA ASP C 171 19.42 30.66 4.14
C ASP C 171 18.77 30.52 5.52
N GLU C 172 17.50 30.18 5.52
CA GLU C 172 16.71 29.99 6.74
C GLU C 172 15.74 28.87 6.41
N PRO C 173 15.14 28.23 7.43
CA PRO C 173 14.15 27.19 7.06
C PRO C 173 13.03 27.74 6.15
N LEU C 174 12.43 26.87 5.34
CA LEU C 174 11.37 27.25 4.41
C LEU C 174 10.01 26.81 4.96
N LEU C 175 9.14 27.79 5.21
CA LEU C 175 7.77 27.52 5.62
C LEU C 175 6.78 27.69 4.46
N LYS C 176 6.16 26.61 4.03
CA LYS C 176 5.06 26.74 3.08
C LYS C 176 3.75 26.51 3.79
N HIS C 177 2.86 27.50 3.65
CA HIS C 177 1.63 27.62 4.43
C HIS C 177 0.43 27.02 3.72
N TRP C 178 -0.50 26.48 4.49
CA TRP C 178 -1.81 26.13 3.97
C TRP C 178 -2.87 26.57 4.95
N GLU C 179 -3.96 27.12 4.44
CA GLU C 179 -5.12 27.41 5.26
C GLU C 179 -6.37 27.30 4.40
N PHE C 180 -7.49 26.95 5.03
CA PHE C 180 -8.79 26.88 4.35
C PHE C 180 -9.14 28.22 3.71
N ASP C 181 -9.18 28.25 2.38
CA ASP C 181 -9.44 29.52 1.70
C ASP C 181 -10.93 29.73 1.43
N ALA C 182 -11.43 30.86 1.91
CA ALA C 182 -12.82 31.25 1.67
C ALA C 182 -12.92 32.77 1.57
N VAL D 1 39.88 23.69 6.43
CA VAL D 1 38.46 23.92 6.75
C VAL D 1 38.12 25.40 6.86
N LEU D 2 36.88 25.76 6.52
CA LEU D 2 36.44 27.15 6.51
C LEU D 2 35.32 27.39 7.52
N PHE D 3 35.49 28.36 8.39
CA PHE D 3 34.51 28.58 9.43
C PHE D 3 33.72 29.85 9.23
N GLN D 4 32.40 29.72 9.32
CA GLN D 4 31.48 30.85 9.28
C GLN D 4 30.62 30.85 10.54
N GLY D 5 29.49 30.14 10.46
CA GLY D 5 28.68 29.83 11.62
C GLY D 5 29.38 28.79 12.48
N PRO D 6 28.79 28.46 13.64
CA PRO D 6 29.38 27.53 14.62
C PRO D 6 29.11 26.04 14.37
N GLY D 7 28.24 25.73 13.41
CA GLY D 7 27.80 24.36 13.24
C GLY D 7 28.25 23.61 12.00
N ASP D 8 27.28 23.11 11.25
CA ASP D 8 27.61 22.13 10.24
C ASP D 8 27.68 22.67 8.83
N THR D 9 28.90 23.05 8.44
CA THR D 9 29.15 23.37 7.05
C THR D 9 30.16 22.40 6.48
N ARG D 10 30.38 21.30 7.20
CA ARG D 10 31.27 20.24 6.75
C ARG D 10 30.85 19.80 5.37
N PRO D 11 31.82 19.71 4.46
CA PRO D 11 31.63 19.34 3.06
C PRO D 11 30.91 18.00 2.96
N ARG D 12 30.14 17.81 1.90
CA ARG D 12 29.54 16.51 1.68
C ARG D 12 30.03 15.97 0.35
N PHE D 13 30.18 14.66 0.31
CA PHE D 13 30.48 14.02 -0.96
C PHE D 13 29.38 13.01 -1.22
N LEU D 14 28.77 13.10 -2.41
CA LEU D 14 27.62 12.26 -2.74
C LEU D 14 27.90 11.28 -3.87
N TRP D 15 27.46 10.03 -3.72
CA TRP D 15 27.62 9.04 -4.80
C TRP D 15 26.30 8.34 -5.06
N GLN D 16 25.90 8.31 -6.33
CA GLN D 16 24.64 7.69 -6.71
C GLN D 16 24.90 6.66 -7.77
N LEU D 17 24.23 5.52 -7.66
CA LEU D 17 24.21 4.50 -8.70
C LEU D 17 22.77 4.41 -9.24
N LYS D 18 22.58 4.28 -10.55
CA LYS D 18 21.22 4.08 -11.07
C LYS D 18 21.16 3.01 -12.16
N PHE D 19 20.18 2.12 -12.08
CA PHE D 19 19.89 1.21 -13.18
C PHE D 19 18.52 1.51 -13.77
N GLU D 20 18.50 2.11 -14.97
CA GLU D 20 17.25 2.52 -15.60
C GLU D 20 16.81 1.56 -16.67
N CYS D 21 15.67 0.90 -16.47
CA CYS D 21 15.08 0.02 -17.45
C CYS D 21 13.96 0.72 -18.20
N HIS D 22 14.22 1.13 -19.43
CA HIS D 22 13.22 1.83 -20.22
C HIS D 22 12.52 0.85 -21.14
N PHE D 23 11.20 0.68 -20.95
CA PHE D 23 10.38 -0.21 -21.77
C PHE D 23 9.55 0.55 -22.81
N PHE D 24 9.48 0.03 -24.04
CA PHE D 24 8.67 0.58 -25.15
C PHE D 24 7.85 -0.56 -25.74
N ASN D 25 6.68 -0.26 -26.32
CA ASN D 25 5.80 -1.28 -26.91
C ASN D 25 5.72 -2.55 -26.06
N GLY D 26 5.00 -2.47 -24.93
CA GLY D 26 5.01 -3.53 -23.95
C GLY D 26 6.43 -3.78 -23.46
N THR D 27 7.03 -4.88 -23.88
CA THR D 27 8.41 -5.19 -23.54
C THR D 27 9.18 -5.61 -24.77
N GLU D 28 8.58 -5.43 -25.95
CA GLU D 28 9.24 -5.84 -27.19
C GLU D 28 10.57 -5.07 -27.36
N ARG D 29 10.60 -3.79 -26.98
CA ARG D 29 11.87 -3.04 -27.01
C ARG D 29 12.34 -2.43 -25.66
N VAL D 30 13.54 -2.79 -25.23
CA VAL D 30 14.05 -2.36 -23.92
C VAL D 30 15.43 -1.71 -23.97
N ARG D 31 15.59 -0.59 -23.29
CA ARG D 31 16.89 0.10 -23.23
C ARG D 31 17.37 0.22 -21.79
N LEU D 32 18.58 -0.26 -21.50
CA LEU D 32 19.09 -0.19 -20.14
C LEU D 32 20.17 0.87 -20.01
N LEU D 33 20.10 1.66 -18.95
CA LEU D 33 21.14 2.63 -18.62
C LEU D 33 21.62 2.46 -17.20
N GLU D 34 22.89 2.10 -17.06
CA GLU D 34 23.54 2.04 -15.76
C GLU D 34 24.29 3.33 -15.62
N ARG D 35 24.16 4.02 -14.49
CA ARG D 35 24.83 5.30 -14.32
C ARG D 35 25.45 5.55 -12.96
N SER D 36 26.65 6.13 -12.99
CA SER D 36 27.37 6.52 -11.78
C SER D 36 27.32 8.03 -11.69
N ILE D 37 27.02 8.59 -10.53
CA ILE D 37 26.97 10.04 -10.43
C ILE D 37 27.73 10.52 -9.20
N TYR D 38 28.71 11.40 -9.42
CA TYR D 38 29.50 11.98 -8.35
C TYR D 38 28.98 13.38 -8.15
N ASN D 39 28.59 13.69 -6.92
CA ASN D 39 27.86 14.90 -6.61
C ASN D 39 26.62 15.06 -7.48
N GLN D 40 26.68 15.96 -8.47
CA GLN D 40 25.61 16.15 -9.44
C GLN D 40 26.06 15.91 -10.91
N GLU D 41 27.23 15.29 -11.08
CA GLU D 41 27.78 15.06 -12.42
C GLU D 41 27.78 13.59 -12.69
N GLU D 42 27.17 13.17 -13.79
CA GLU D 42 27.24 11.78 -14.18
C GLU D 42 28.63 11.55 -14.74
N SER D 43 29.27 10.47 -14.33
CA SER D 43 30.66 10.23 -14.66
C SER D 43 30.87 9.09 -15.64
N VAL D 44 30.21 7.95 -15.44
CA VAL D 44 30.28 6.84 -16.39
C VAL D 44 28.93 6.09 -16.55
N ARG D 45 28.64 5.64 -17.77
CA ARG D 45 27.42 4.87 -18.02
C ARG D 45 27.58 3.72 -18.98
N PHE D 46 26.66 2.76 -18.88
CA PHE D 46 26.53 1.66 -19.84
C PHE D 46 25.15 1.80 -20.47
N ASP D 47 25.14 2.02 -21.78
CA ASP D 47 23.92 2.16 -22.53
C ASP D 47 23.80 0.86 -23.29
N SER D 48 22.72 0.12 -23.10
CA SER D 48 22.53 -1.08 -23.89
C SER D 48 22.33 -0.84 -25.41
N ASP D 49 22.13 0.41 -25.84
CA ASP D 49 22.19 0.69 -27.29
C ASP D 49 23.66 0.79 -27.75
N VAL D 50 24.57 1.08 -26.83
CA VAL D 50 25.98 1.23 -27.17
C VAL D 50 26.74 -0.06 -26.93
N GLY D 51 26.41 -0.76 -25.84
CA GLY D 51 26.97 -2.07 -25.59
C GLY D 51 28.29 -2.12 -24.85
N GLU D 52 28.75 -0.99 -24.34
CA GLU D 52 29.92 -0.98 -23.48
C GLU D 52 29.88 0.22 -22.52
N TYR D 53 30.82 0.27 -21.57
CA TYR D 53 30.89 1.41 -20.66
C TYR D 53 31.54 2.56 -21.37
N ARG D 54 31.09 3.77 -21.07
CA ARG D 54 31.62 4.97 -21.68
C ARG D 54 31.57 6.10 -20.66
N ALA D 55 32.71 6.77 -20.49
CA ALA D 55 32.83 7.92 -19.59
C ALA D 55 31.95 9.09 -20.06
N VAL D 56 31.40 9.84 -19.12
CA VAL D 56 30.55 10.98 -19.46
C VAL D 56 31.32 12.26 -19.19
N THR D 57 32.19 12.21 -18.19
CA THR D 57 32.98 13.36 -17.81
C THR D 57 34.40 12.88 -17.53
N GLU D 58 35.37 13.79 -17.53
CA GLU D 58 36.79 13.47 -17.37
C GLU D 58 37.04 12.31 -16.40
N LEU D 59 36.45 12.35 -15.21
CA LEU D 59 36.78 11.38 -14.17
C LEU D 59 36.22 9.97 -14.35
N GLY D 60 35.43 9.74 -15.39
CA GLY D 60 34.86 8.41 -15.56
C GLY D 60 35.76 7.52 -16.37
N ARG D 61 36.68 8.16 -17.08
CA ARG D 61 37.62 7.51 -17.98
C ARG D 61 38.26 6.23 -17.41
N PRO D 62 38.77 6.26 -16.15
CA PRO D 62 39.37 5.05 -15.57
C PRO D 62 38.44 3.88 -15.51
N ASP D 63 37.21 4.12 -15.05
CA ASP D 63 36.29 3.04 -14.76
C ASP D 63 35.78 2.47 -16.06
N ALA D 64 35.63 3.35 -17.05
CA ALA D 64 35.16 2.90 -18.35
C ALA D 64 36.15 1.95 -19.03
N GLU D 65 37.44 2.23 -18.93
CA GLU D 65 38.45 1.34 -19.51
C GLU D 65 38.57 0.04 -18.74
N TYR D 66 38.59 0.17 -17.42
CA TYR D 66 38.67 -0.97 -16.52
C TYR D 66 37.54 -1.95 -16.77
N TRP D 67 36.32 -1.44 -16.85
CA TRP D 67 35.18 -2.34 -16.97
C TRP D 67 35.12 -3.01 -18.33
N ASN D 68 35.43 -2.26 -19.39
CA ASN D 68 35.42 -2.83 -20.74
C ASN D 68 36.49 -3.90 -20.95
N SER D 69 37.44 -4.00 -20.01
CA SER D 69 38.48 -5.01 -20.09
C SER D 69 37.97 -6.36 -19.57
N GLN D 70 37.04 -6.32 -18.61
CA GLN D 70 36.47 -7.56 -18.07
C GLN D 70 35.36 -8.12 -18.96
N LYS D 71 35.72 -9.07 -19.81
CA LYS D 71 34.82 -9.63 -20.83
C LYS D 71 33.49 -10.12 -20.26
N ASP D 72 33.57 -10.88 -19.17
CA ASP D 72 32.40 -11.56 -18.61
C ASP D 72 31.37 -10.59 -18.04
N LEU D 73 31.81 -9.39 -17.68
CA LEU D 73 30.93 -8.30 -17.24
C LEU D 73 30.13 -7.77 -18.42
N LEU D 74 30.82 -7.52 -19.54
CA LEU D 74 30.17 -7.03 -20.75
C LEU D 74 29.16 -8.05 -21.24
N GLU D 75 29.48 -9.32 -21.11
CA GLU D 75 28.57 -10.36 -21.53
C GLU D 75 27.30 -10.29 -20.69
N GLN D 76 27.46 -10.11 -19.38
CA GLN D 76 26.32 -10.07 -18.46
C GLN D 76 25.40 -8.87 -18.69
N ARG D 77 26.00 -7.69 -18.68
CA ARG D 77 25.25 -6.46 -18.83
C ARG D 77 24.52 -6.41 -20.17
N ARG D 78 25.18 -6.89 -21.22
CA ARG D 78 24.54 -6.92 -22.54
C ARG D 78 23.23 -7.73 -22.57
N ALA D 79 23.16 -8.77 -21.73
CA ALA D 79 21.95 -9.60 -21.65
C ALA D 79 21.07 -9.21 -20.47
N ALA D 80 21.48 -8.22 -19.70
CA ALA D 80 20.72 -7.79 -18.53
C ALA D 80 19.38 -7.23 -18.97
N VAL D 81 19.29 -6.89 -20.24
CA VAL D 81 18.02 -6.44 -20.82
C VAL D 81 16.98 -7.55 -20.65
N ASP D 82 17.41 -8.80 -20.79
CA ASP D 82 16.51 -9.92 -20.60
C ASP D 82 16.52 -10.47 -19.17
N THR D 83 17.69 -10.57 -18.58
CA THR D 83 17.81 -11.17 -17.26
C THR D 83 17.41 -10.18 -16.15
N TYR D 84 17.57 -8.89 -16.39
CA TYR D 84 17.28 -7.92 -15.34
C TYR D 84 15.99 -7.17 -15.62
N CYS D 85 15.92 -6.49 -16.75
CA CYS D 85 14.80 -5.63 -17.07
C CYS D 85 13.49 -6.36 -17.29
N ARG D 86 13.48 -7.22 -18.32
CA ARG D 86 12.26 -7.95 -18.63
C ARG D 86 11.81 -8.84 -17.46
N HIS D 87 12.77 -9.45 -16.75
CA HIS D 87 12.43 -10.23 -15.55
C HIS D 87 11.72 -9.37 -14.51
N ASN D 88 12.29 -8.20 -14.22
CA ASN D 88 11.71 -7.32 -13.22
C ASN D 88 10.35 -6.77 -13.61
N TYR D 89 10.16 -6.54 -14.92
CA TYR D 89 8.91 -5.98 -15.40
C TYR D 89 7.81 -6.93 -15.01
N GLY D 90 8.15 -8.22 -14.95
CA GLY D 90 7.17 -9.25 -14.66
C GLY D 90 6.91 -9.49 -13.19
N VAL D 91 7.82 -9.03 -12.34
CA VAL D 91 7.67 -9.29 -10.91
C VAL D 91 6.38 -8.69 -10.36
N GLY D 92 6.34 -7.36 -10.25
CA GLY D 92 5.17 -6.69 -9.73
C GLY D 92 4.22 -6.21 -10.82
N GLU D 93 4.31 -6.83 -11.99
CA GLU D 93 3.57 -6.42 -13.19
C GLU D 93 2.08 -6.30 -12.99
N SER D 94 1.50 -7.33 -12.35
CA SER D 94 0.08 -7.36 -12.04
C SER D 94 -0.37 -6.13 -11.26
N PHE D 95 0.54 -5.59 -10.44
CA PHE D 95 0.19 -4.51 -9.52
C PHE D 95 0.72 -3.14 -9.93
N THR D 96 1.55 -3.13 -10.97
CA THR D 96 2.16 -1.88 -11.43
C THR D 96 1.63 -1.43 -12.80
N VAL D 97 1.95 -2.16 -13.87
CA VAL D 97 1.44 -1.84 -15.20
C VAL D 97 -0.10 -1.94 -15.26
N GLN D 98 -0.63 -3.05 -14.75
CA GLN D 98 -2.07 -3.32 -14.74
C GLN D 98 -2.89 -2.48 -13.74
N ARG D 99 -2.22 -1.81 -12.81
CA ARG D 99 -2.91 -1.00 -11.78
C ARG D 99 -3.72 0.15 -12.39
N ARG D 100 -5.04 0.08 -12.24
CA ARG D 100 -5.93 1.17 -12.65
C ARG D 100 -6.61 1.63 -11.39
N VAL D 101 -6.73 2.93 -11.20
CA VAL D 101 -7.49 3.50 -10.08
C VAL D 101 -8.36 4.67 -10.57
N GLU D 102 -9.68 4.58 -10.34
CA GLU D 102 -10.66 5.48 -10.93
C GLU D 102 -10.58 6.87 -10.32
N PRO D 103 -10.71 7.91 -11.14
CA PRO D 103 -10.60 9.29 -10.63
C PRO D 103 -11.86 9.81 -9.98
N LYS D 104 -11.69 10.82 -9.14
CA LYS D 104 -12.78 11.53 -8.53
C LYS D 104 -12.86 12.94 -9.13
N VAL D 105 -13.82 13.14 -10.01
CA VAL D 105 -14.00 14.41 -10.69
C VAL D 105 -15.01 15.26 -9.96
N THR D 106 -14.74 16.56 -9.82
CA THR D 106 -15.70 17.49 -9.22
C THR D 106 -15.47 18.87 -9.82
N VAL D 107 -16.49 19.72 -9.85
CA VAL D 107 -16.43 21.00 -10.55
C VAL D 107 -16.91 22.11 -9.66
N TYR D 108 -16.27 23.27 -9.66
CA TYR D 108 -16.61 24.34 -8.73
C TYR D 108 -16.04 25.69 -9.19
N PRO D 109 -16.61 26.81 -8.69
CA PRO D 109 -16.05 28.10 -9.14
C PRO D 109 -14.98 28.76 -8.25
N SER D 110 -14.50 29.93 -8.70
CA SER D 110 -13.70 30.86 -7.90
C SER D 110 -13.40 32.15 -8.69
N HIS D 118 -15.97 39.17 -13.63
CA HIS D 118 -15.26 38.13 -14.36
C HIS D 118 -14.98 36.85 -13.54
N ASN D 119 -15.53 35.71 -14.00
CA ASN D 119 -15.48 34.45 -13.24
C ASN D 119 -14.61 33.31 -13.87
N LEU D 120 -14.37 32.24 -13.11
CA LEU D 120 -13.41 31.19 -13.47
C LEU D 120 -13.74 29.81 -12.87
N LEU D 121 -14.00 28.81 -13.72
CA LEU D 121 -14.45 27.49 -13.26
C LEU D 121 -13.33 26.44 -13.13
N VAL D 122 -13.44 25.55 -12.14
CA VAL D 122 -12.41 24.58 -11.87
C VAL D 122 -12.90 23.15 -11.95
N CYS D 123 -12.25 22.34 -12.79
CA CYS D 123 -12.49 20.92 -12.81
C CYS D 123 -11.34 20.24 -12.11
N SER D 124 -11.62 19.54 -11.01
CA SER D 124 -10.58 18.81 -10.32
C SER D 124 -10.74 17.34 -10.56
N VAL D 125 -9.64 16.69 -10.90
CA VAL D 125 -9.66 15.28 -11.13
C VAL D 125 -8.62 14.73 -10.18
N SER D 126 -8.99 13.85 -9.24
CA SER D 126 -8.01 13.43 -8.23
C SER D 126 -8.03 11.95 -7.87
N GLY D 127 -6.89 11.49 -7.36
CA GLY D 127 -6.74 10.13 -6.88
C GLY D 127 -6.70 9.03 -7.90
N PHE D 128 -6.31 9.32 -9.15
CA PHE D 128 -6.29 8.31 -10.22
C PHE D 128 -4.92 7.70 -10.53
N TYR D 129 -4.94 6.54 -11.19
CA TYR D 129 -3.71 5.88 -11.67
C TYR D 129 -4.05 4.99 -12.87
N PRO D 130 -3.29 5.10 -13.97
CA PRO D 130 -2.05 5.85 -14.10
C PRO D 130 -2.35 7.29 -14.43
N GLY D 131 -1.33 8.06 -14.74
CA GLY D 131 -1.51 9.46 -15.01
C GLY D 131 -1.83 9.73 -16.45
N SER D 132 -2.08 8.72 -17.27
CA SER D 132 -2.53 9.02 -18.62
C SER D 132 -4.00 9.42 -18.57
N ILE D 133 -4.30 10.70 -18.69
CA ILE D 133 -5.70 11.19 -18.54
C ILE D 133 -6.06 12.35 -19.48
N GLU D 134 -7.29 12.37 -20.03
CA GLU D 134 -7.76 13.55 -20.77
C GLU D 134 -8.89 14.30 -20.06
N VAL D 135 -8.80 15.63 -20.00
CA VAL D 135 -9.81 16.43 -19.31
C VAL D 135 -10.34 17.60 -20.15
N ARG D 136 -11.54 17.50 -20.68
CA ARG D 136 -12.04 18.58 -21.54
C ARG D 136 -13.20 19.36 -20.95
N TRP D 137 -13.44 20.54 -21.48
CA TRP D 137 -14.56 21.37 -21.04
C TRP D 137 -15.61 21.50 -22.15
N PHE D 138 -16.89 21.56 -21.77
CA PHE D 138 -17.94 21.82 -22.75
C PHE D 138 -18.83 22.93 -22.27
N ARG D 139 -19.22 23.82 -23.19
CA ARG D 139 -20.22 24.83 -22.89
C ARG D 139 -21.46 24.57 -23.75
N ASN D 140 -22.45 23.94 -23.14
CA ASN D 140 -23.63 23.48 -23.84
C ASN D 140 -23.29 22.41 -24.88
N GLY D 141 -22.48 21.43 -24.46
CA GLY D 141 -22.14 20.30 -25.30
C GLY D 141 -21.24 20.65 -26.49
N GLN D 142 -20.92 21.93 -26.62
CA GLN D 142 -19.94 22.37 -27.59
C GLN D 142 -18.65 22.62 -26.84
N GLU D 143 -17.58 21.94 -27.25
CA GLU D 143 -16.34 21.94 -26.50
C GLU D 143 -15.71 23.31 -26.45
N GLU D 144 -15.30 23.74 -25.26
CA GLU D 144 -14.54 24.96 -25.09
C GLU D 144 -13.05 24.64 -25.10
N LYS D 145 -12.32 25.43 -25.89
CA LYS D 145 -10.91 25.22 -26.11
C LYS D 145 -10.09 26.47 -25.76
N ALA D 146 -10.78 27.58 -25.56
CA ALA D 146 -10.15 28.85 -25.18
C ALA D 146 -10.30 29.12 -23.70
N GLY D 147 -9.23 29.60 -23.08
CA GLY D 147 -9.26 29.95 -21.68
C GLY D 147 -9.20 28.71 -20.80
N VAL D 148 -8.71 27.63 -21.38
CA VAL D 148 -8.47 26.42 -20.62
C VAL D 148 -7.02 26.42 -20.12
N VAL D 149 -6.84 26.10 -18.84
CA VAL D 149 -5.53 26.18 -18.20
C VAL D 149 -5.45 25.09 -17.16
N SER D 150 -4.34 24.37 -17.09
CA SER D 150 -4.20 23.42 -15.99
C SER D 150 -2.95 23.61 -15.14
N THR D 151 -2.92 22.93 -14.00
CA THR D 151 -1.78 22.96 -13.14
C THR D 151 -0.71 22.04 -13.72
N GLY D 152 -1.16 21.12 -14.58
CA GLY D 152 -0.33 20.02 -15.07
C GLY D 152 -0.54 18.82 -14.18
N LEU D 153 -0.19 17.63 -14.66
CA LEU D 153 -0.22 16.40 -13.86
C LEU D 153 0.61 16.52 -12.59
N ILE D 154 0.08 16.01 -11.48
CA ILE D 154 0.78 16.07 -10.21
C ILE D 154 0.88 14.70 -9.60
N GLN D 155 2.10 14.21 -9.43
CA GLN D 155 2.30 12.95 -8.76
C GLN D 155 2.22 13.15 -7.25
N ASN D 156 1.42 12.34 -6.58
CA ASN D 156 1.20 12.54 -5.16
C ASN D 156 2.20 11.78 -4.27
N GLY D 157 2.91 10.82 -4.84
CA GLY D 157 3.82 10.04 -4.04
C GLY D 157 3.21 8.75 -3.55
N ASP D 158 1.89 8.62 -3.58
CA ASP D 158 1.26 7.47 -2.96
C ASP D 158 0.70 6.51 -3.99
N TRP D 159 1.12 6.76 -5.23
CA TRP D 159 0.70 6.04 -6.42
C TRP D 159 -0.64 6.50 -6.92
N THR D 160 -0.92 7.79 -6.76
CA THR D 160 -2.05 8.41 -7.42
C THR D 160 -1.65 9.78 -7.95
N PHE D 161 -2.39 10.26 -8.94
CA PHE D 161 -2.17 11.56 -9.53
C PHE D 161 -3.39 12.42 -9.28
N GLN D 162 -3.29 13.71 -9.55
CA GLN D 162 -4.42 14.63 -9.46
C GLN D 162 -4.13 15.87 -10.29
N THR D 163 -5.17 16.55 -10.73
CA THR D 163 -4.99 17.78 -11.48
C THR D 163 -6.20 18.70 -11.39
N LEU D 164 -5.99 19.95 -11.79
CA LEU D 164 -7.04 20.93 -11.82
C LEU D 164 -7.02 21.57 -13.18
N VAL D 165 -8.11 21.49 -13.91
CA VAL D 165 -8.17 22.15 -15.20
C VAL D 165 -9.17 23.29 -15.10
N MET D 166 -8.68 24.52 -14.97
CA MET D 166 -9.58 25.68 -14.91
C MET D 166 -10.10 26.02 -16.28
N LEU D 167 -11.17 26.82 -16.30
CA LEU D 167 -11.70 27.36 -17.55
C LEU D 167 -12.18 28.78 -17.26
N GLU D 168 -11.76 29.74 -18.10
CA GLU D 168 -12.14 31.13 -17.95
C GLU D 168 -13.40 31.41 -18.73
N THR D 169 -14.47 31.79 -18.03
CA THR D 169 -15.75 32.03 -18.71
C THR D 169 -16.57 33.21 -18.21
N VAL D 170 -17.49 33.66 -19.07
CA VAL D 170 -18.45 34.70 -18.74
C VAL D 170 -19.82 34.07 -18.44
N PRO D 171 -20.04 33.65 -17.19
CA PRO D 171 -21.21 32.84 -16.85
C PRO D 171 -22.53 33.59 -17.09
N ARG D 172 -23.36 33.01 -17.93
CA ARG D 172 -24.71 33.48 -18.17
C ARG D 172 -25.69 32.36 -17.84
N SER D 173 -26.86 32.71 -17.34
CA SER D 173 -27.80 31.72 -16.88
C SER D 173 -28.45 30.94 -18.03
N GLY D 174 -28.72 29.67 -17.78
CA GLY D 174 -29.21 28.76 -18.81
C GLY D 174 -28.07 28.03 -19.49
N GLU D 175 -26.86 28.24 -18.99
CA GLU D 175 -25.65 27.62 -19.55
C GLU D 175 -25.22 26.40 -18.74
N VAL D 176 -24.98 25.28 -19.43
CA VAL D 176 -24.45 24.09 -18.77
C VAL D 176 -22.97 23.78 -19.15
N TYR D 177 -22.06 24.05 -18.20
CA TYR D 177 -20.66 23.66 -18.34
C TYR D 177 -20.44 22.25 -17.87
N THR D 178 -19.98 21.40 -18.79
CA THR D 178 -19.60 20.06 -18.40
C THR D 178 -18.08 19.92 -18.51
N CYS D 179 -17.51 19.16 -17.59
CA CYS D 179 -16.12 18.76 -17.65
C CYS D 179 -16.14 17.27 -17.96
N GLN D 180 -15.51 16.88 -19.07
CA GLN D 180 -15.51 15.48 -19.46
C GLN D 180 -14.13 14.82 -19.33
N VAL D 181 -14.10 13.68 -18.64
CA VAL D 181 -12.85 13.03 -18.29
C VAL D 181 -12.78 11.61 -18.86
N GLU D 182 -11.68 11.29 -19.54
CA GLU D 182 -11.45 9.95 -20.01
C GLU D 182 -10.19 9.47 -19.34
N HIS D 183 -10.13 8.18 -19.05
CA HIS D 183 -9.05 7.60 -18.27
C HIS D 183 -9.18 6.09 -18.35
N PRO D 184 -8.05 5.37 -18.43
CA PRO D 184 -8.16 3.93 -18.69
C PRO D 184 -8.94 3.10 -17.66
N SER D 185 -9.25 3.68 -16.49
CA SER D 185 -9.95 2.99 -15.39
C SER D 185 -11.49 2.96 -15.57
N VAL D 186 -11.93 3.61 -16.64
CA VAL D 186 -13.35 3.67 -16.97
C VAL D 186 -13.55 3.44 -18.46
N THR D 187 -14.58 2.65 -18.77
CA THR D 187 -14.81 2.17 -20.13
C THR D 187 -15.44 3.25 -21.02
N SER D 188 -16.26 4.09 -20.40
CA SER D 188 -16.90 5.25 -21.04
C SER D 188 -16.58 6.51 -20.22
N PRO D 189 -16.66 7.71 -20.83
CA PRO D 189 -16.19 8.93 -20.15
C PRO D 189 -17.01 9.40 -18.95
N LEU D 190 -16.30 9.81 -17.91
CA LEU D 190 -16.89 10.51 -16.78
C LEU D 190 -17.20 11.94 -17.24
N THR D 191 -18.32 12.48 -16.78
CA THR D 191 -18.68 13.88 -17.00
C THR D 191 -19.34 14.37 -15.73
N VAL D 192 -19.11 15.62 -15.35
CA VAL D 192 -19.96 16.26 -14.34
C VAL D 192 -20.24 17.72 -14.72
N GLU D 193 -21.42 18.21 -14.33
CA GLU D 193 -21.85 19.53 -14.77
C GLU D 193 -21.84 20.55 -13.68
N TRP D 194 -21.83 21.81 -14.10
CA TRP D 194 -22.05 22.96 -13.23
C TRP D 194 -23.04 23.84 -13.93
N ARG D 195 -24.19 24.05 -13.29
CA ARG D 195 -25.26 24.81 -13.92
C ARG D 195 -25.34 26.24 -13.41
N ALA D 196 -25.60 27.16 -14.33
CA ALA D 196 -25.74 28.58 -14.00
C ALA D 196 -27.17 28.92 -13.56
N GLY E 1 15.05 -8.98 -9.07
CA GLY E 1 16.47 -9.24 -9.21
C GLY E 1 17.27 -7.98 -9.05
N LYS E 2 18.20 -7.98 -8.09
CA LYS E 2 19.10 -6.86 -7.88
C LYS E 2 20.09 -6.77 -9.06
N GLN E 3 20.75 -5.64 -9.24
CA GLN E 3 21.83 -5.53 -10.20
C GLN E 3 23.04 -5.08 -9.41
N ASN E 4 24.18 -5.74 -9.63
CA ASN E 4 25.36 -5.59 -8.76
C ASN E 4 26.16 -4.30 -8.92
N CYS E 5 26.47 -3.66 -7.80
CA CYS E 5 27.36 -2.52 -7.83
C CYS E 5 28.80 -2.96 -8.15
N LEU E 6 29.46 -2.25 -9.07
CA LEU E 6 30.85 -2.57 -9.46
C LEU E 6 31.89 -1.74 -8.74
N LYS E 7 33.05 -2.33 -8.49
CA LYS E 7 34.12 -1.57 -7.86
C LYS E 7 34.83 -0.72 -8.90
N LEU E 8 35.19 0.49 -8.51
CA LEU E 8 35.84 1.40 -9.43
C LEU E 8 37.28 0.98 -9.67
N ALA E 9 37.92 1.63 -10.63
CA ALA E 9 39.36 1.52 -10.81
C ALA E 9 40.13 2.20 -9.65
N THR E 10 41.36 1.74 -9.40
CA THR E 10 42.11 2.24 -8.25
C THR E 10 43.56 2.56 -8.60
C1 NAG F . -10.11 -26.73 -6.59
C2 NAG F . -10.12 -26.47 -8.10
C3 NAG F . -9.23 -27.43 -8.87
C4 NAG F . -7.82 -27.44 -8.26
C5 NAG F . -7.92 -27.78 -6.77
C6 NAG F . -6.52 -27.73 -6.17
C7 NAG F . -11.98 -25.57 -9.40
C8 NAG F . -13.40 -25.75 -9.87
N2 NAG F . -11.48 -26.53 -8.62
O3 NAG F . -9.17 -27.05 -10.22
O4 NAG F . -6.98 -28.38 -8.90
O5 NAG F . -8.79 -26.90 -6.08
O6 NAG F . -6.59 -27.96 -4.79
O7 NAG F . -11.33 -24.57 -9.72
C1 NAG G . 18.47 18.07 10.87
C2 NAG G . 19.54 19.08 10.45
C3 NAG G . 20.82 19.00 11.30
C4 NAG G . 20.58 18.67 12.79
C5 NAG G . 19.37 17.77 13.06
C6 NAG G . 18.86 17.96 14.48
C7 NAG G . 19.63 19.83 8.15
C8 NAG G . 19.89 19.54 6.71
N2 NAG G . 19.83 18.87 9.03
O3 NAG G . 21.49 20.25 11.22
O4 NAG G . 21.75 18.06 13.34
O5 NAG G . 18.26 18.09 12.25
O6 NAG G . 17.85 18.94 14.49
O7 NAG G . 19.26 20.95 8.47
C1 NAG H . 44.44 16.82 -8.41
C2 NAG H . 44.31 17.19 -9.90
C3 NAG H . 45.69 17.10 -10.55
C4 NAG H . 46.63 18.06 -9.82
C5 NAG H . 46.70 17.70 -8.33
C6 NAG H . 47.51 18.73 -7.55
C7 NAG H . 42.04 16.81 -10.76
C8 NAG H . 41.13 15.89 -11.51
N2 NAG H . 43.29 16.38 -10.55
O3 NAG H . 45.66 17.43 -11.92
O4 NAG H . 47.91 18.04 -10.42
O5 NAG H . 45.40 17.62 -7.74
O6 NAG H . 47.27 18.56 -6.18
O7 NAG H . 41.63 17.91 -10.36
#